data_5IHE
#
_entry.id   5IHE
#
_cell.length_a   85.969
_cell.length_b   91.415
_cell.length_c   145.209
_cell.angle_alpha   90.00
_cell.angle_beta   90.00
_cell.angle_gamma   90.00
#
_symmetry.space_group_name_H-M   'P 21 21 21'
#
loop_
_entity.id
_entity.type
_entity.pdbx_description
1 polymer 'DNA polymerase II small subunit'
2 non-polymer "2'-DEOXYADENOSINE-5'-MONOPHOSPHATE"
3 non-polymer 'FE (III) ION'
4 non-polymer 'ZINC ION'
5 non-polymer 'CALCIUM ION'
6 non-polymer 'ACETATE ION'
7 non-polymer 1,2-ETHANEDIOL
8 water water
#
_entity_poly.entity_id   1
_entity_poly.type   'polypeptide(L)'
_entity_poly.pdbx_seq_one_letter_code
;GENGESVVVLDKYGYPILYAPEEIGEEKEYSKYEDVVIEWNPSVTPVQIEKNYEVKFDVRQVKLRPPKVKNGSGKEGEII
VEAYASLFKSRLSKLKRILRENPEISNVVDIGKLNYVSGDEEVTIIGLVNSKRETNRGLIFEVEDKTGIVKVFLPKDSED
YREAFKVLPDAVVAFKGFYSKKGIFFANKFYLPDVPLYRKQKPPLEEKVYAILISDIHVGSREFCEKAFLKFLEWLNGHV
ESKEEEEIVSRVKYLIIAGDVVDGIGIYPGQYSDLVIPDIFDQYEALANLLANVPEHITMFIGPGNHDAARPAIPQPEFY
KEYAKPIYKLKNAIIISNPAVIRLHGRDFLIAHGRGIEDVVSFVPGLTHHKPGLPMVELLKMRHLAPTFGGKVPIAPDPE
DLLVIEEVPDLVQMGHVHVYDAVVYRGVQLVNSATWQAQTEFQKMVNIVPTPAKVPVVDVESARVVKVLDFSGWC
;
_entity_poly.pdbx_strand_id   A,B
#
loop_
_chem_comp.id
_chem_comp.type
_chem_comp.name
_chem_comp.formula
ACT non-polymer 'ACETATE ION' 'C2 H3 O2 -1'
CA non-polymer 'CALCIUM ION' 'Ca 2'
D5M non-polymer 2'-DEOXYADENOSINE-5'-MONOPHOSPHATE 'C10 H14 N5 O6 P'
EDO non-polymer 1,2-ETHANEDIOL 'C2 H6 O2'
FE non-polymer 'FE (III) ION' 'Fe 3'
ZN non-polymer 'ZINC ION' 'Zn 2'
#
# COMPACT_ATOMS: atom_id res chain seq x y z
N VAL A 8 33.53 0.91 11.28
CA VAL A 8 34.81 0.99 10.56
C VAL A 8 34.58 0.78 9.03
N VAL A 9 34.78 1.83 8.22
CA VAL A 9 34.59 1.80 6.76
C VAL A 9 35.85 1.34 6.03
N LEU A 10 35.67 0.62 4.91
CA LEU A 10 36.73 0.11 4.03
C LEU A 10 36.68 0.81 2.67
N ASP A 11 37.85 0.94 1.99
CA ASP A 11 37.97 1.57 0.68
C ASP A 11 38.66 0.70 -0.37
N LYS A 12 38.10 0.66 -1.60
CA LYS A 12 38.64 0.00 -2.79
C LYS A 12 38.89 1.10 -3.82
N TYR A 13 40.18 1.40 -4.08
CA TYR A 13 40.66 2.46 -5.00
C TYR A 13 40.17 3.88 -4.57
N GLY A 14 39.93 4.05 -3.26
CA GLY A 14 39.49 5.30 -2.65
C GLY A 14 38.03 5.38 -2.24
N TYR A 15 37.15 4.61 -2.92
CA TYR A 15 35.69 4.62 -2.73
C TYR A 15 35.18 3.71 -1.58
N PRO A 16 34.25 4.19 -0.71
CA PRO A 16 33.72 3.33 0.37
C PRO A 16 32.88 2.17 -0.17
N ILE A 17 33.33 0.93 0.11
CA ILE A 17 32.70 -0.28 -0.43
C ILE A 17 31.99 -1.13 0.63
N LEU A 18 32.54 -1.20 1.86
CA LEU A 18 31.97 -1.99 2.95
C LEU A 18 32.40 -1.51 4.35
N TYR A 19 31.89 -2.20 5.38
CA TYR A 19 32.20 -1.97 6.78
C TYR A 19 32.94 -3.18 7.34
N TYR A 30 22.52 -12.37 5.77
CA TYR A 30 21.54 -11.66 4.93
C TYR A 30 21.37 -12.28 3.54
N SER A 31 20.19 -12.02 2.91
CA SER A 31 19.88 -12.51 1.56
C SER A 31 19.97 -11.39 0.53
N LYS A 32 20.24 -11.76 -0.74
CA LYS A 32 20.35 -10.82 -1.86
C LYS A 32 19.18 -11.02 -2.84
N TYR A 33 18.04 -11.54 -2.36
CA TYR A 33 16.79 -11.81 -3.10
C TYR A 33 17.01 -12.70 -4.34
N GLU A 34 17.97 -13.65 -4.26
CA GLU A 34 18.33 -14.64 -5.29
C GLU A 34 17.14 -15.56 -5.60
N ASP A 35 16.43 -15.98 -4.54
CA ASP A 35 15.24 -16.85 -4.55
C ASP A 35 13.97 -16.18 -5.12
N VAL A 36 13.92 -14.82 -5.10
CA VAL A 36 12.76 -14.05 -5.55
C VAL A 36 12.53 -14.21 -7.06
N VAL A 37 11.42 -14.90 -7.38
CA VAL A 37 10.94 -15.19 -8.73
C VAL A 37 9.44 -14.84 -8.79
N ILE A 38 9.10 -13.81 -9.56
CA ILE A 38 7.71 -13.38 -9.78
C ILE A 38 7.44 -13.48 -11.27
N GLU A 39 6.51 -14.36 -11.63
CA GLU A 39 6.09 -14.62 -13.00
C GLU A 39 4.83 -13.80 -13.32
N TRP A 40 4.59 -13.52 -14.61
CA TRP A 40 3.46 -12.73 -15.09
C TRP A 40 2.15 -13.54 -14.97
N ASN A 41 1.04 -12.86 -14.61
CA ASN A 41 -0.26 -13.50 -14.47
C ASN A 41 -0.85 -13.84 -15.86
N PRO A 42 -1.08 -15.14 -16.18
CA PRO A 42 -1.62 -15.50 -17.50
C PRO A 42 -3.02 -14.98 -17.79
N SER A 43 -3.83 -14.78 -16.71
CA SER A 43 -5.21 -14.27 -16.73
C SER A 43 -5.27 -12.85 -17.31
N VAL A 44 -4.18 -12.07 -17.13
CA VAL A 44 -4.07 -10.71 -17.64
C VAL A 44 -3.25 -10.72 -18.94
N THR A 45 -3.82 -10.13 -20.01
CA THR A 45 -3.16 -10.02 -21.30
C THR A 45 -2.78 -8.54 -21.52
N PRO A 46 -1.49 -8.24 -21.77
CA PRO A 46 -1.09 -6.84 -21.93
C PRO A 46 -1.54 -6.27 -23.28
N VAL A 47 -2.01 -5.01 -23.25
CA VAL A 47 -2.46 -4.29 -24.44
C VAL A 47 -1.24 -4.01 -25.32
N GLN A 48 -1.27 -4.40 -26.61
CA GLN A 48 -0.15 -4.20 -27.51
C GLN A 48 -0.06 -2.75 -27.99
N ILE A 49 0.85 -2.00 -27.37
CA ILE A 49 1.11 -0.58 -27.64
C ILE A 49 2.55 -0.45 -28.18
N GLU A 50 2.74 0.27 -29.29
CA GLU A 50 4.06 0.51 -29.89
C GLU A 50 4.84 1.45 -28.95
N LYS A 51 5.89 0.92 -28.30
CA LYS A 51 6.72 1.68 -27.36
C LYS A 51 7.47 2.81 -28.04
N ASN A 52 7.03 4.05 -27.77
CA ASN A 52 7.63 5.26 -28.31
C ASN A 52 8.33 5.99 -27.16
N TYR A 53 9.64 5.77 -27.03
CA TYR A 53 10.46 6.40 -25.99
C TYR A 53 11.80 6.84 -26.52
N GLU A 54 12.37 7.87 -25.87
CA GLU A 54 13.64 8.49 -26.25
C GLU A 54 14.21 9.23 -25.04
N VAL A 55 15.53 9.15 -24.83
CA VAL A 55 16.20 9.93 -23.79
C VAL A 55 16.56 11.26 -24.50
N LYS A 56 15.65 12.25 -24.40
CA LYS A 56 15.77 13.58 -25.00
C LYS A 56 17.00 14.31 -24.47
N PHE A 57 17.33 14.10 -23.19
CA PHE A 57 18.50 14.69 -22.56
C PHE A 57 19.12 13.75 -21.53
N ASP A 58 20.45 13.66 -21.58
CA ASP A 58 21.32 12.92 -20.69
C ASP A 58 22.63 13.72 -20.58
N VAL A 59 23.25 13.74 -19.39
CA VAL A 59 24.50 14.43 -19.07
C VAL A 59 25.67 13.94 -19.97
N ARG A 60 25.68 12.63 -20.31
CA ARG A 60 26.70 11.97 -21.14
C ARG A 60 26.68 12.40 -22.61
N GLN A 61 25.62 13.07 -23.06
CA GLN A 61 25.45 13.57 -24.44
C GLN A 61 26.27 14.84 -24.76
N VAL A 62 27.12 15.29 -23.82
CA VAL A 62 27.97 16.48 -24.00
C VAL A 62 29.43 16.09 -24.33
N VAL A 81 42.96 29.98 -12.79
CA VAL A 81 41.59 30.26 -13.25
C VAL A 81 40.56 29.98 -12.16
N GLU A 82 39.38 30.65 -12.22
CA GLU A 82 38.29 30.42 -11.26
C GLU A 82 37.51 29.18 -11.67
N ALA A 83 37.37 28.22 -10.75
CA ALA A 83 36.71 26.94 -10.94
C ALA A 83 35.27 27.03 -11.43
N TYR A 84 34.49 27.97 -10.89
CA TYR A 84 33.07 28.12 -11.23
C TYR A 84 32.75 29.21 -12.24
N ALA A 85 33.78 29.95 -12.73
CA ALA A 85 33.62 31.03 -13.71
C ALA A 85 32.80 30.60 -14.94
N SER A 86 33.17 29.45 -15.55
CA SER A 86 32.50 28.90 -16.73
C SER A 86 31.08 28.45 -16.43
N LEU A 87 30.83 27.94 -15.21
CA LEU A 87 29.51 27.47 -14.78
C LEU A 87 28.52 28.63 -14.68
N PHE A 88 28.92 29.74 -14.01
CA PHE A 88 28.07 30.92 -13.84
C PHE A 88 27.82 31.64 -15.15
N LYS A 89 28.83 31.64 -16.05
CA LYS A 89 28.73 32.23 -17.40
C LYS A 89 27.65 31.45 -18.17
N SER A 90 27.66 30.10 -18.08
CA SER A 90 26.71 29.19 -18.72
C SER A 90 25.29 29.36 -18.17
N ARG A 91 25.13 29.40 -16.83
CA ARG A 91 23.86 29.58 -16.11
C ARG A 91 23.19 30.89 -16.51
N LEU A 92 23.95 32.02 -16.42
CA LEU A 92 23.48 33.36 -16.77
C LEU A 92 23.04 33.43 -18.23
N SER A 93 23.87 32.91 -19.15
CA SER A 93 23.58 32.87 -20.59
C SER A 93 22.28 32.10 -20.90
N LYS A 94 22.09 30.91 -20.29
CA LYS A 94 20.92 30.06 -20.51
C LYS A 94 19.62 30.65 -19.96
N LEU A 95 19.64 31.14 -18.71
CA LEU A 95 18.45 31.69 -18.06
C LEU A 95 18.09 33.09 -18.58
N LYS A 96 19.10 33.89 -19.04
CA LYS A 96 18.90 35.20 -19.66
C LYS A 96 18.11 35.00 -20.97
N ARG A 97 18.36 33.87 -21.68
CA ARG A 97 17.66 33.49 -22.91
C ARG A 97 16.18 33.20 -22.63
N ILE A 98 15.88 32.51 -21.50
CA ILE A 98 14.52 32.14 -21.08
C ILE A 98 13.73 33.40 -20.66
N LEU A 99 14.40 34.34 -19.97
CA LEU A 99 13.82 35.62 -19.54
C LEU A 99 13.48 36.50 -20.75
N ARG A 100 14.39 36.57 -21.74
CA ARG A 100 14.22 37.35 -22.98
C ARG A 100 13.08 36.83 -23.86
N GLU A 101 12.56 35.64 -23.54
CA GLU A 101 11.42 35.03 -24.25
C GLU A 101 10.08 35.54 -23.71
N ASN A 102 10.11 36.28 -22.58
CA ASN A 102 8.94 36.93 -21.99
C ASN A 102 8.70 38.24 -22.78
N PRO A 103 7.51 38.43 -23.40
CA PRO A 103 7.27 39.65 -24.18
C PRO A 103 7.26 40.94 -23.35
N GLU A 104 7.02 40.83 -22.03
CA GLU A 104 6.98 41.94 -21.08
C GLU A 104 8.38 42.46 -20.70
N ILE A 105 9.43 41.68 -20.99
CA ILE A 105 10.82 42.06 -20.71
C ILE A 105 11.42 42.80 -21.91
N SER A 106 11.65 44.11 -21.74
CA SER A 106 12.20 44.98 -22.77
C SER A 106 13.14 46.01 -22.16
N ASN A 107 13.93 46.66 -23.03
CA ASN A 107 14.89 47.70 -22.67
C ASN A 107 15.92 47.19 -21.69
N VAL A 108 16.53 46.04 -22.02
CA VAL A 108 17.55 45.41 -21.16
C VAL A 108 18.88 46.13 -21.33
N VAL A 109 19.46 46.56 -20.19
CA VAL A 109 20.74 47.28 -20.16
C VAL A 109 21.74 46.56 -19.29
N ASP A 110 23.04 46.66 -19.66
CA ASP A 110 24.13 46.04 -18.92
C ASP A 110 24.27 46.72 -17.57
N ILE A 111 24.53 45.91 -16.52
CA ILE A 111 24.71 46.42 -15.16
C ILE A 111 25.92 47.39 -15.08
N GLY A 112 26.97 47.10 -15.87
CA GLY A 112 28.18 47.93 -15.95
C GLY A 112 27.96 49.28 -16.60
N LYS A 113 26.79 49.46 -17.25
CA LYS A 113 26.43 50.70 -17.94
C LYS A 113 25.34 51.50 -17.21
N LEU A 114 24.92 51.04 -16.00
CA LEU A 114 23.83 51.61 -15.21
C LEU A 114 24.02 53.09 -14.77
N ASN A 115 25.25 53.65 -14.69
CA ASN A 115 25.29 55.09 -14.38
C ASN A 115 25.78 55.92 -15.58
N TYR A 116 25.51 55.43 -16.77
CA TYR A 116 25.71 56.17 -18.00
C TYR A 116 24.29 56.43 -18.46
N VAL A 117 23.35 55.81 -17.71
CA VAL A 117 21.89 55.88 -17.79
C VAL A 117 21.48 56.99 -16.83
N SER A 118 20.56 57.86 -17.28
CA SER A 118 20.01 58.93 -16.45
C SER A 118 18.88 58.34 -15.61
N GLY A 119 18.62 58.94 -14.43
CA GLY A 119 17.57 58.49 -13.51
C GLY A 119 16.14 58.64 -13.99
N ASP A 120 15.95 59.12 -15.23
CA ASP A 120 14.66 59.35 -15.89
C ASP A 120 14.20 58.15 -16.76
N GLU A 121 15.11 57.20 -17.03
CA GLU A 121 14.83 56.07 -17.91
C GLU A 121 14.55 54.75 -17.17
N GLU A 122 13.34 54.18 -17.39
CA GLU A 122 12.96 52.87 -16.85
C GLU A 122 13.65 51.81 -17.71
N VAL A 123 14.51 51.01 -17.06
CA VAL A 123 15.30 49.96 -17.70
C VAL A 123 15.09 48.61 -17.01
N THR A 124 15.55 47.54 -17.68
CA THR A 124 15.51 46.18 -17.16
C THR A 124 16.96 45.67 -17.10
N ILE A 125 17.29 44.97 -16.02
CA ILE A 125 18.58 44.34 -15.84
C ILE A 125 18.37 42.86 -15.59
N ILE A 126 19.23 42.01 -16.16
CA ILE A 126 19.19 40.54 -15.97
C ILE A 126 20.52 40.16 -15.32
N GLY A 127 20.46 39.39 -14.24
CA GLY A 127 21.64 38.94 -13.53
C GLY A 127 21.39 37.89 -12.47
N LEU A 128 22.51 37.36 -11.93
CA LEU A 128 22.54 36.37 -10.87
C LEU A 128 22.32 37.04 -9.52
N VAL A 129 21.49 36.43 -8.65
CA VAL A 129 21.27 36.97 -7.31
C VAL A 129 22.49 36.54 -6.45
N ASN A 130 23.50 37.40 -6.32
CA ASN A 130 24.71 37.09 -5.52
C ASN A 130 24.33 37.04 -4.05
N SER A 131 23.66 38.08 -3.54
CA SER A 131 23.18 38.13 -2.14
C SER A 131 21.76 38.69 -2.07
N LYS A 132 21.05 38.36 -0.99
CA LYS A 132 19.67 38.75 -0.73
C LYS A 132 19.51 38.99 0.78
N ARG A 133 19.11 40.21 1.16
CA ARG A 133 18.97 40.64 2.55
C ARG A 133 17.66 41.40 2.76
N GLU A 134 16.93 41.09 3.85
CA GLU A 134 15.68 41.77 4.17
C GLU A 134 15.83 42.82 5.27
N THR A 135 15.30 44.00 4.99
CA THR A 135 15.21 45.15 5.89
C THR A 135 13.71 45.34 6.12
N ASN A 136 13.31 46.13 7.14
CA ASN A 136 11.91 46.42 7.39
C ASN A 136 11.33 47.24 6.23
N ARG A 137 12.20 47.94 5.46
CA ARG A 137 11.81 48.77 4.34
C ARG A 137 11.79 48.04 2.97
N GLY A 138 12.12 46.76 2.93
CA GLY A 138 12.07 45.98 1.69
C GLY A 138 13.11 44.89 1.54
N LEU A 139 13.53 44.62 0.28
CA LEU A 139 14.56 43.62 -0.04
C LEU A 139 15.77 44.21 -0.76
N ILE A 140 16.97 43.86 -0.31
CA ILE A 140 18.25 44.30 -0.88
C ILE A 140 18.94 43.13 -1.56
N PHE A 141 19.10 43.24 -2.89
CA PHE A 141 19.73 42.23 -3.72
C PHE A 141 21.06 42.74 -4.26
N GLU A 142 22.06 41.85 -4.36
CA GLU A 142 23.31 42.17 -5.02
C GLU A 142 23.22 41.37 -6.32
N VAL A 143 22.89 42.03 -7.43
CA VAL A 143 22.69 41.40 -8.73
C VAL A 143 23.93 41.56 -9.60
N GLU A 144 24.41 40.46 -10.19
CA GLU A 144 25.59 40.47 -11.04
C GLU A 144 25.34 39.91 -12.45
N ASP A 145 25.82 40.63 -13.47
CA ASP A 145 25.82 40.18 -14.86
C ASP A 145 27.27 40.10 -15.35
N LYS A 146 27.48 39.89 -16.64
CA LYS A 146 28.82 39.80 -17.23
C LYS A 146 29.62 41.12 -17.21
N THR A 147 28.93 42.28 -17.10
CA THR A 147 29.54 43.61 -17.15
C THR A 147 29.74 44.29 -15.80
N GLY A 148 29.06 43.81 -14.75
CA GLY A 148 29.19 44.41 -13.45
C GLY A 148 28.29 43.87 -12.37
N ILE A 149 28.30 44.54 -11.20
CA ILE A 149 27.53 44.22 -10.00
C ILE A 149 26.78 45.49 -9.56
N VAL A 150 25.54 45.34 -9.06
CA VAL A 150 24.71 46.47 -8.59
C VAL A 150 23.80 46.07 -7.43
N LYS A 151 23.53 47.04 -6.52
CA LYS A 151 22.64 46.89 -5.38
C LYS A 151 21.24 47.23 -5.85
N VAL A 152 20.30 46.30 -5.69
CA VAL A 152 18.91 46.46 -6.13
C VAL A 152 18.00 46.51 -4.91
N PHE A 153 17.13 47.51 -4.85
CA PHE A 153 16.15 47.65 -3.79
C PHE A 153 14.73 47.44 -4.35
N LEU A 154 13.95 46.56 -3.72
CA LEU A 154 12.54 46.32 -4.04
C LEU A 154 11.69 46.71 -2.83
N PRO A 155 10.76 47.70 -2.98
CA PRO A 155 9.97 48.16 -1.83
C PRO A 155 9.10 47.08 -1.18
N LYS A 156 8.91 47.17 0.19
CA LYS A 156 8.12 46.22 1.04
C LYS A 156 6.96 45.59 0.31
N ASP A 157 6.12 46.38 -0.39
CA ASP A 157 5.00 45.75 -1.05
C ASP A 157 4.78 46.22 -2.49
N SER A 158 5.74 45.84 -3.35
CA SER A 158 5.70 45.91 -4.80
C SER A 158 4.95 44.59 -5.05
N GLU A 159 3.91 44.56 -5.91
CA GLU A 159 3.07 43.38 -6.13
C GLU A 159 3.85 42.06 -6.43
N ASP A 160 5.12 42.17 -6.86
CA ASP A 160 5.99 41.03 -7.16
C ASP A 160 6.86 40.59 -5.94
N TYR A 161 6.64 41.22 -4.75
CA TYR A 161 7.40 40.99 -3.51
C TYR A 161 7.36 39.55 -3.01
N ARG A 162 6.17 38.91 -3.00
CA ARG A 162 5.98 37.53 -2.57
C ARG A 162 6.94 36.56 -3.29
N GLU A 163 7.20 36.83 -4.59
CA GLU A 163 8.07 36.02 -5.44
C GLU A 163 9.53 36.34 -5.21
N ALA A 164 9.85 37.63 -5.04
CA ALA A 164 11.20 38.13 -4.79
C ALA A 164 11.67 37.72 -3.40
N PHE A 165 10.71 37.49 -2.50
CA PHE A 165 10.96 37.04 -1.14
C PHE A 165 11.30 35.56 -1.14
N LYS A 166 10.78 34.82 -2.13
CA LYS A 166 11.01 33.38 -2.25
C LYS A 166 12.24 32.99 -3.09
N VAL A 167 12.73 33.88 -3.98
CA VAL A 167 13.85 33.56 -4.87
C VAL A 167 15.15 33.18 -4.09
N LEU A 168 15.73 32.06 -4.47
CA LEU A 168 16.97 31.53 -3.90
C LEU A 168 18.18 32.28 -4.44
N PRO A 169 19.30 32.40 -3.67
CA PRO A 169 20.49 33.04 -4.23
C PRO A 169 21.14 32.17 -5.29
N ASP A 170 21.81 32.81 -6.25
CA ASP A 170 22.52 32.24 -7.41
C ASP A 170 21.52 31.79 -8.49
N ALA A 171 20.26 32.26 -8.37
CA ALA A 171 19.23 32.11 -9.38
C ALA A 171 19.38 33.33 -10.31
N VAL A 172 18.90 33.23 -11.56
CA VAL A 172 18.99 34.34 -12.53
C VAL A 172 17.61 34.99 -12.63
N VAL A 173 17.56 36.30 -12.35
CA VAL A 173 16.31 37.08 -12.36
C VAL A 173 16.43 38.36 -13.19
N ALA A 174 15.29 39.06 -13.37
CA ALA A 174 15.22 40.34 -14.05
C ALA A 174 14.52 41.38 -13.16
N PHE A 175 14.96 42.63 -13.25
CA PHE A 175 14.42 43.75 -12.48
C PHE A 175 14.16 44.93 -13.39
N LYS A 176 12.93 45.47 -13.37
CA LYS A 176 12.55 46.68 -14.08
C LYS A 176 12.46 47.80 -13.05
N GLY A 177 13.12 48.92 -13.32
CA GLY A 177 13.13 50.08 -12.44
C GLY A 177 14.03 51.20 -12.91
N PHE A 178 14.43 52.07 -11.96
CA PHE A 178 15.27 53.24 -12.21
C PHE A 178 16.55 53.20 -11.37
N TYR A 179 17.64 53.83 -11.85
CA TYR A 179 18.90 53.90 -11.11
C TYR A 179 19.02 55.25 -10.37
N SER A 180 19.34 55.21 -9.05
CA SER A 180 19.45 56.33 -8.11
C SER A 180 20.57 57.35 -8.38
N LYS A 181 21.75 56.82 -8.76
CA LYS A 181 23.04 57.49 -9.01
C LYS A 181 23.82 57.70 -7.69
N LYS A 182 23.27 57.15 -6.57
CA LYS A 182 23.89 56.97 -5.27
C LYS A 182 24.50 55.55 -5.15
N GLY A 183 24.00 54.65 -5.99
CA GLY A 183 24.47 53.27 -6.07
C GLY A 183 23.39 52.20 -5.98
N ILE A 184 22.11 52.60 -5.93
CA ILE A 184 21.02 51.64 -5.82
C ILE A 184 20.05 51.66 -7.02
N PHE A 185 19.63 50.46 -7.48
CA PHE A 185 18.63 50.26 -8.53
C PHE A 185 17.26 50.14 -7.83
N PHE A 186 16.42 51.17 -7.96
CA PHE A 186 15.10 51.21 -7.35
C PHE A 186 14.10 50.52 -8.27
N ALA A 187 14.00 49.18 -8.12
CA ALA A 187 13.13 48.34 -8.90
C ALA A 187 11.66 48.51 -8.51
N ASN A 188 10.76 48.36 -9.48
CA ASN A 188 9.30 48.43 -9.32
C ASN A 188 8.67 47.12 -9.82
N LYS A 189 9.46 46.28 -10.51
CA LYS A 189 9.04 44.99 -11.04
C LYS A 189 10.16 43.93 -10.94
N PHE A 190 9.76 42.71 -10.58
CA PHE A 190 10.62 41.54 -10.44
C PHE A 190 10.12 40.43 -11.39
N TYR A 191 11.05 39.78 -12.11
CA TYR A 191 10.72 38.71 -13.06
C TYR A 191 11.50 37.42 -12.79
N LEU A 192 10.84 36.28 -13.00
CA LEU A 192 11.46 34.97 -12.89
C LEU A 192 11.46 34.33 -14.28
N PRO A 193 12.44 33.44 -14.63
CA PRO A 193 12.39 32.79 -15.95
C PRO A 193 11.03 32.14 -16.25
N ASP A 194 10.36 31.54 -15.24
CA ASP A 194 9.01 30.95 -15.29
C ASP A 194 8.76 29.80 -16.31
N VAL A 195 7.47 29.45 -16.55
CA VAL A 195 7.03 28.55 -17.63
C VAL A 195 5.93 29.29 -18.41
N PRO A 196 5.84 29.19 -19.76
CA PRO A 196 4.79 29.96 -20.47
C PRO A 196 3.38 29.61 -20.01
N LEU A 197 2.54 30.65 -19.85
CA LEU A 197 1.15 30.47 -19.43
C LEU A 197 0.34 29.77 -20.53
N TYR A 198 0.72 29.98 -21.81
CA TYR A 198 0.08 29.36 -22.95
C TYR A 198 1.06 28.49 -23.74
N ARG A 199 0.70 27.23 -23.92
CA ARG A 199 1.45 26.23 -24.70
C ARG A 199 0.42 25.32 -25.39
N LYS A 200 0.61 25.04 -26.69
CA LYS A 200 -0.28 24.21 -27.50
C LYS A 200 -0.47 22.79 -26.95
N GLN A 201 -1.74 22.32 -26.93
CA GLN A 201 -2.09 20.97 -26.48
C GLN A 201 -1.54 19.94 -27.46
N LYS A 202 -1.17 18.76 -26.94
CA LYS A 202 -0.59 17.68 -27.72
C LYS A 202 -1.65 16.75 -28.34
N PRO A 203 -1.38 16.17 -29.54
CA PRO A 203 -2.38 15.29 -30.16
C PRO A 203 -2.59 13.97 -29.39
N PRO A 204 -3.84 13.46 -29.31
CA PRO A 204 -4.08 12.22 -28.56
C PRO A 204 -3.36 10.99 -29.11
N LEU A 205 -3.05 10.04 -28.22
CA LEU A 205 -2.37 8.80 -28.57
C LEU A 205 -3.38 7.76 -29.06
N GLU A 206 -2.92 6.78 -29.88
CA GLU A 206 -3.74 5.69 -30.41
C GLU A 206 -4.29 4.85 -29.25
N GLU A 207 -3.42 4.56 -28.27
CA GLU A 207 -3.77 3.80 -27.08
C GLU A 207 -3.38 4.51 -25.78
N LYS A 208 -4.09 4.17 -24.69
CA LYS A 208 -3.83 4.68 -23.35
C LYS A 208 -2.62 3.92 -22.79
N VAL A 209 -1.60 4.68 -22.34
CA VAL A 209 -0.37 4.09 -21.82
C VAL A 209 -0.03 4.73 -20.48
N TYR A 210 0.36 3.88 -19.51
CA TYR A 210 0.72 4.32 -18.17
C TYR A 210 2.22 4.22 -17.88
N ALA A 211 2.68 5.11 -16.99
CA ALA A 211 4.06 5.16 -16.49
C ALA A 211 4.02 5.12 -14.96
N ILE A 212 4.89 4.30 -14.35
CA ILE A 212 4.97 4.16 -12.90
C ILE A 212 6.20 4.93 -12.40
N LEU A 213 6.02 5.78 -11.37
CA LEU A 213 7.13 6.58 -10.83
C LEU A 213 7.51 6.14 -9.43
N ILE A 214 8.75 5.67 -9.26
CA ILE A 214 9.28 5.25 -7.97
C ILE A 214 10.64 5.92 -7.75
N SER A 215 11.13 5.92 -6.50
CA SER A 215 12.44 6.46 -6.09
C SER A 215 12.71 6.03 -4.66
N ASP A 216 13.94 6.34 -4.18
CA ASP A 216 14.43 6.12 -2.82
C ASP A 216 14.06 4.74 -2.29
N ILE A 217 14.49 3.71 -3.03
CA ILE A 217 14.25 2.31 -2.68
C ILE A 217 15.09 1.97 -1.44
N HIS A 218 16.36 2.46 -1.39
CA HIS A 218 17.30 2.29 -0.29
C HIS A 218 17.56 0.83 0.08
N VAL A 219 17.82 -0.03 -0.94
CA VAL A 219 18.15 -1.44 -0.72
C VAL A 219 19.48 -1.50 0.07
N GLY A 220 19.45 -2.23 1.18
CA GLY A 220 20.59 -2.40 2.07
C GLY A 220 20.26 -1.92 3.47
N SER A 221 19.25 -1.05 3.56
CA SER A 221 18.73 -0.48 4.80
C SER A 221 17.78 -1.47 5.46
N ARG A 222 17.83 -1.52 6.81
CA ARG A 222 16.96 -2.38 7.62
C ARG A 222 15.53 -1.84 7.55
N GLU A 223 15.40 -0.56 7.22
CA GLU A 223 14.13 0.16 7.11
C GLU A 223 13.48 0.06 5.72
N PHE A 224 14.12 -0.67 4.78
CA PHE A 224 13.59 -0.90 3.44
C PHE A 224 12.36 -1.79 3.57
N CYS A 225 11.23 -1.31 3.04
CA CYS A 225 9.95 -2.00 3.06
C CYS A 225 9.92 -3.13 2.02
N GLU A 226 10.68 -4.18 2.36
CA GLU A 226 10.92 -5.40 1.60
C GLU A 226 9.64 -6.08 1.11
N LYS A 227 8.68 -6.34 2.03
CA LYS A 227 7.40 -7.00 1.71
C LYS A 227 6.52 -6.13 0.82
N ALA A 228 6.50 -4.82 1.08
CA ALA A 228 5.73 -3.84 0.33
C ALA A 228 6.21 -3.75 -1.11
N PHE A 229 7.55 -3.80 -1.31
CA PHE A 229 8.16 -3.75 -2.62
C PHE A 229 7.93 -5.04 -3.40
N LEU A 230 7.94 -6.19 -2.71
CA LEU A 230 7.66 -7.49 -3.33
C LEU A 230 6.21 -7.54 -3.83
N LYS A 231 5.27 -6.97 -3.04
CA LYS A 231 3.84 -6.84 -3.36
C LYS A 231 3.63 -5.89 -4.54
N PHE A 232 4.55 -4.90 -4.71
CA PHE A 232 4.50 -3.95 -5.81
C PHE A 232 4.95 -4.63 -7.12
N LEU A 233 5.96 -5.52 -7.02
CA LEU A 233 6.46 -6.31 -8.14
C LEU A 233 5.40 -7.30 -8.60
N GLU A 234 4.60 -7.83 -7.64
CA GLU A 234 3.48 -8.75 -7.90
C GLU A 234 2.40 -7.98 -8.67
N TRP A 235 2.07 -6.75 -8.21
CA TRP A 235 1.10 -5.83 -8.82
C TRP A 235 1.49 -5.53 -10.28
N LEU A 236 2.81 -5.28 -10.53
CA LEU A 236 3.35 -5.01 -11.87
C LEU A 236 3.19 -6.20 -12.80
N ASN A 237 3.24 -7.43 -12.24
CA ASN A 237 3.13 -8.69 -12.96
C ASN A 237 1.68 -9.20 -13.13
N GLY A 238 0.72 -8.27 -13.02
CA GLY A 238 -0.70 -8.57 -13.19
C GLY A 238 -1.39 -9.23 -12.02
N HIS A 239 -0.73 -9.29 -10.85
CA HIS A 239 -1.33 -9.87 -9.65
C HIS A 239 -2.09 -8.78 -8.88
N VAL A 240 -3.20 -8.32 -9.49
CA VAL A 240 -4.12 -7.29 -8.97
C VAL A 240 -5.48 -7.94 -8.62
N GLU A 241 -6.32 -7.25 -7.84
CA GLU A 241 -7.60 -7.86 -7.44
C GLU A 241 -8.84 -7.11 -7.96
N SER A 242 -8.64 -6.02 -8.73
CA SER A 242 -9.77 -5.29 -9.29
C SER A 242 -9.60 -5.08 -10.79
N LYS A 243 -10.75 -4.98 -11.50
CA LYS A 243 -10.88 -4.78 -12.95
C LYS A 243 -10.22 -3.49 -13.44
N GLU A 244 -10.28 -2.42 -12.61
CA GLU A 244 -9.70 -1.11 -12.90
C GLU A 244 -8.17 -1.20 -12.88
N GLU A 245 -7.61 -1.93 -11.89
CA GLU A 245 -6.18 -2.15 -11.74
C GLU A 245 -5.67 -2.99 -12.93
N GLU A 246 -6.46 -4.00 -13.33
CA GLU A 246 -6.19 -4.91 -14.44
C GLU A 246 -6.03 -4.15 -15.75
N GLU A 247 -6.91 -3.16 -16.01
CA GLU A 247 -6.80 -2.37 -17.23
C GLU A 247 -5.63 -1.37 -17.16
N ILE A 248 -5.15 -1.02 -15.94
CA ILE A 248 -3.96 -0.16 -15.78
C ILE A 248 -2.69 -0.98 -16.04
N VAL A 249 -2.53 -2.14 -15.35
CA VAL A 249 -1.37 -3.05 -15.45
C VAL A 249 -1.11 -3.51 -16.88
N SER A 250 -2.18 -3.77 -17.66
CA SER A 250 -2.09 -4.17 -19.07
C SER A 250 -1.50 -3.07 -19.94
N ARG A 251 -1.69 -1.80 -19.53
CA ARG A 251 -1.23 -0.60 -20.24
C ARG A 251 0.04 0.06 -19.66
N VAL A 252 0.65 -0.54 -18.61
CA VAL A 252 1.88 -0.02 -18.01
C VAL A 252 3.06 -0.47 -18.87
N LYS A 253 3.80 0.49 -19.44
CA LYS A 253 4.95 0.20 -20.30
C LYS A 253 6.26 0.82 -19.79
N TYR A 254 6.17 1.76 -18.81
CA TYR A 254 7.36 2.45 -18.29
C TYR A 254 7.43 2.54 -16.77
N LEU A 255 8.65 2.39 -16.24
CA LEU A 255 8.97 2.49 -14.82
C LEU A 255 10.18 3.42 -14.67
N ILE A 256 9.99 4.56 -13.98
CA ILE A 256 11.06 5.52 -13.78
C ILE A 256 11.48 5.54 -12.32
N ILE A 257 12.80 5.34 -12.08
CA ILE A 257 13.42 5.30 -10.75
C ILE A 257 14.36 6.51 -10.58
N ALA A 258 13.93 7.50 -9.77
CA ALA A 258 14.61 8.77 -9.55
C ALA A 258 15.56 8.82 -8.32
N GLY A 259 16.56 7.94 -8.29
CA GLY A 259 17.61 7.96 -7.28
C GLY A 259 17.42 7.24 -5.98
N ASP A 260 18.55 7.11 -5.22
CA ASP A 260 18.75 6.41 -3.94
C ASP A 260 18.20 4.98 -4.02
N VAL A 261 18.60 4.28 -5.08
CA VAL A 261 18.17 2.92 -5.39
C VAL A 261 18.76 1.93 -4.38
N VAL A 262 19.95 2.27 -3.81
CA VAL A 262 20.62 1.53 -2.74
C VAL A 262 20.85 2.49 -1.55
N ASP A 263 21.06 1.96 -0.32
CA ASP A 263 21.31 2.85 0.82
C ASP A 263 22.75 3.37 0.86
N GLY A 264 23.67 2.68 0.19
CA GLY A 264 25.05 3.08 0.13
C GLY A 264 25.90 2.70 1.32
N ILE A 265 27.14 3.23 1.36
CA ILE A 265 28.15 2.98 2.39
C ILE A 265 28.80 4.31 2.76
N GLY A 266 28.92 4.58 4.05
CA GLY A 266 29.54 5.79 4.59
C GLY A 266 28.89 7.10 4.20
N ILE A 267 27.57 7.10 3.97
CA ILE A 267 26.79 8.29 3.60
C ILE A 267 26.70 9.28 4.79
N TYR A 268 26.52 8.76 6.00
CA TYR A 268 26.45 9.54 7.23
C TYR A 268 27.07 8.76 8.39
N PRO A 269 27.58 9.43 9.46
CA PRO A 269 28.16 8.65 10.58
C PRO A 269 27.10 7.84 11.31
N GLY A 270 27.42 6.59 11.59
CA GLY A 270 26.51 5.67 12.26
C GLY A 270 25.59 4.88 11.33
N GLN A 271 25.75 5.03 10.00
CA GLN A 271 24.95 4.33 8.99
C GLN A 271 25.02 2.80 9.13
N TYR A 272 26.19 2.26 9.56
CA TYR A 272 26.40 0.82 9.75
C TYR A 272 25.35 0.18 10.67
N SER A 273 24.90 0.93 11.70
CA SER A 273 23.88 0.48 12.66
C SER A 273 22.52 0.22 11.99
N ASP A 274 22.29 0.78 10.78
CA ASP A 274 21.04 0.64 10.02
C ASP A 274 21.13 -0.35 8.85
N LEU A 275 22.37 -0.74 8.47
CA LEU A 275 22.56 -1.59 7.31
C LEU A 275 22.44 -3.09 7.56
N VAL A 276 21.55 -3.72 6.80
CA VAL A 276 21.33 -5.16 6.76
C VAL A 276 22.39 -5.73 5.79
N ILE A 277 22.57 -5.06 4.63
CA ILE A 277 23.57 -5.38 3.61
C ILE A 277 24.67 -4.31 3.71
N PRO A 278 25.79 -4.58 4.44
CA PRO A 278 26.84 -3.56 4.60
C PRO A 278 27.95 -3.64 3.55
N ASP A 279 27.58 -3.91 2.30
CA ASP A 279 28.49 -4.03 1.15
C ASP A 279 27.81 -3.42 -0.09
N ILE A 280 28.49 -2.45 -0.76
CA ILE A 280 27.96 -1.74 -1.92
C ILE A 280 27.69 -2.67 -3.13
N PHE A 281 28.57 -3.66 -3.38
CA PHE A 281 28.43 -4.62 -4.47
C PHE A 281 27.18 -5.48 -4.24
N ASP A 282 27.00 -5.95 -3.00
CA ASP A 282 25.88 -6.80 -2.60
C ASP A 282 24.54 -6.05 -2.58
N GLN A 283 24.60 -4.71 -2.42
CA GLN A 283 23.42 -3.84 -2.41
C GLN A 283 22.85 -3.74 -3.84
N TYR A 284 23.73 -3.53 -4.85
CA TYR A 284 23.34 -3.47 -6.26
C TYR A 284 22.93 -4.84 -6.81
N GLU A 285 23.54 -5.91 -6.29
CA GLU A 285 23.21 -7.28 -6.66
C GLU A 285 21.81 -7.65 -6.14
N ALA A 286 21.48 -7.25 -4.89
CA ALA A 286 20.18 -7.47 -4.26
C ALA A 286 19.10 -6.70 -5.00
N LEU A 287 19.40 -5.45 -5.37
CA LEU A 287 18.50 -4.57 -6.12
C LEU A 287 18.18 -5.15 -7.51
N ALA A 288 19.21 -5.55 -8.27
CA ALA A 288 19.08 -6.14 -9.60
C ALA A 288 18.30 -7.45 -9.58
N ASN A 289 18.39 -8.22 -8.49
CA ASN A 289 17.64 -9.48 -8.35
C ASN A 289 16.15 -9.21 -8.20
N LEU A 290 15.80 -8.09 -7.56
CA LEU A 290 14.42 -7.64 -7.39
C LEU A 290 13.89 -7.10 -8.71
N LEU A 291 14.65 -6.17 -9.33
CA LEU A 291 14.30 -5.50 -10.59
C LEU A 291 14.29 -6.44 -11.79
N ALA A 292 14.88 -7.64 -11.66
CA ALA A 292 14.88 -8.69 -12.69
C ALA A 292 13.46 -9.24 -12.85
N ASN A 293 12.65 -9.11 -11.78
CA ASN A 293 11.25 -9.55 -11.72
C ASN A 293 10.26 -8.51 -12.26
N VAL A 294 10.77 -7.45 -12.93
CA VAL A 294 9.94 -6.44 -13.58
C VAL A 294 9.60 -7.00 -14.98
N PRO A 295 8.29 -7.02 -15.38
CA PRO A 295 7.93 -7.56 -16.71
C PRO A 295 8.75 -7.02 -17.88
N GLU A 296 9.06 -7.88 -18.87
CA GLU A 296 9.86 -7.55 -20.06
C GLU A 296 9.24 -6.44 -20.91
N HIS A 297 7.90 -6.35 -20.91
CA HIS A 297 7.15 -5.34 -21.65
C HIS A 297 7.23 -3.95 -20.99
N ILE A 298 7.90 -3.84 -19.82
CA ILE A 298 8.11 -2.58 -19.11
C ILE A 298 9.57 -2.14 -19.31
N THR A 299 9.76 -0.89 -19.76
CA THR A 299 11.09 -0.30 -19.91
C THR A 299 11.36 0.49 -18.65
N MET A 300 12.47 0.15 -17.98
CA MET A 300 12.92 0.79 -16.75
C MET A 300 13.97 1.84 -17.03
N PHE A 301 13.80 3.03 -16.44
CA PHE A 301 14.74 4.14 -16.56
C PHE A 301 15.27 4.37 -15.15
N ILE A 302 16.56 4.03 -14.92
CA ILE A 302 17.16 4.12 -13.59
C ILE A 302 18.21 5.23 -13.49
N GLY A 303 17.95 6.20 -12.60
CA GLY A 303 18.85 7.31 -12.33
C GLY A 303 19.47 7.26 -10.94
N PRO A 304 20.67 7.87 -10.75
CA PRO A 304 21.29 7.87 -9.42
C PRO A 304 20.78 8.97 -8.47
N GLY A 305 21.06 8.78 -7.18
CA GLY A 305 20.77 9.69 -6.07
C GLY A 305 22.04 9.95 -5.27
N ASN A 306 21.93 10.60 -4.10
CA ASN A 306 23.12 10.90 -3.27
C ASN A 306 23.65 9.72 -2.42
N HIS A 307 22.89 8.62 -2.31
CA HIS A 307 23.31 7.42 -1.55
C HIS A 307 24.00 6.44 -2.47
N ASP A 308 23.74 6.59 -3.77
CA ASP A 308 24.24 5.73 -4.84
C ASP A 308 25.74 5.82 -5.11
N ALA A 309 26.28 4.75 -5.75
CA ALA A 309 27.66 4.67 -6.21
C ALA A 309 27.67 5.43 -7.53
N ALA A 310 27.85 6.75 -7.40
CA ALA A 310 27.84 7.73 -8.47
C ALA A 310 28.65 8.94 -8.03
N ARG A 311 28.87 9.89 -8.94
CA ARG A 311 29.63 11.12 -8.71
C ARG A 311 29.18 11.83 -7.42
N PRO A 312 30.11 12.23 -6.51
CA PRO A 312 29.71 12.91 -5.28
C PRO A 312 29.42 14.41 -5.43
N ALA A 313 28.82 14.80 -6.55
CA ALA A 313 28.41 16.16 -6.90
C ALA A 313 27.39 16.07 -8.03
N ILE A 314 26.57 17.11 -8.21
CA ILE A 314 25.54 17.15 -9.26
C ILE A 314 25.95 18.10 -10.38
N PRO A 315 25.73 17.73 -11.67
CA PRO A 315 25.04 16.52 -12.17
C PRO A 315 25.84 15.22 -12.08
N GLN A 316 25.12 14.10 -11.97
CA GLN A 316 25.67 12.74 -11.90
C GLN A 316 25.48 12.11 -13.27
N PRO A 317 26.54 11.92 -14.06
CA PRO A 317 26.37 11.37 -15.42
C PRO A 317 25.51 10.11 -15.38
N GLU A 318 25.88 9.15 -14.54
CA GLU A 318 25.36 7.78 -14.42
C GLU A 318 25.81 7.21 -13.06
N PHE A 319 25.79 5.87 -12.96
CA PHE A 319 26.28 5.13 -11.80
C PHE A 319 27.72 4.72 -12.09
N TYR A 320 28.51 4.45 -11.05
CA TYR A 320 29.86 3.94 -11.19
C TYR A 320 29.70 2.47 -11.55
N LYS A 321 29.97 2.11 -12.82
CA LYS A 321 29.83 0.77 -13.38
C LYS A 321 30.54 -0.34 -12.60
N GLU A 322 31.66 -0.05 -11.90
CA GLU A 322 32.39 -1.04 -11.09
C GLU A 322 31.56 -1.58 -9.94
N TYR A 323 30.72 -0.73 -9.32
CA TYR A 323 29.88 -1.08 -8.18
C TYR A 323 28.44 -1.39 -8.57
N ALA A 324 27.89 -0.63 -9.54
CA ALA A 324 26.50 -0.75 -9.99
C ALA A 324 26.25 -1.67 -11.21
N LYS A 325 27.28 -2.43 -11.65
CA LYS A 325 27.21 -3.35 -12.79
C LYS A 325 25.94 -4.26 -12.85
N PRO A 326 25.43 -4.88 -11.74
CA PRO A 326 24.25 -5.76 -11.88
C PRO A 326 23.00 -5.11 -12.47
N ILE A 327 22.79 -3.80 -12.25
CA ILE A 327 21.61 -3.12 -12.80
C ILE A 327 21.82 -2.77 -14.28
N TYR A 328 23.09 -2.53 -14.69
CA TYR A 328 23.46 -2.25 -16.09
C TYR A 328 23.20 -3.47 -16.99
N LYS A 329 23.16 -4.67 -16.40
CA LYS A 329 22.96 -5.95 -17.09
C LYS A 329 21.48 -6.42 -17.15
N LEU A 330 20.54 -5.61 -16.65
CA LEU A 330 19.11 -5.94 -16.73
C LEU A 330 18.64 -5.69 -18.16
N LYS A 331 18.02 -6.71 -18.78
CA LYS A 331 17.57 -6.68 -20.18
C LYS A 331 16.66 -5.50 -20.55
N ASN A 332 15.73 -5.14 -19.67
CA ASN A 332 14.77 -4.05 -19.90
C ASN A 332 15.08 -2.75 -19.14
N ALA A 333 16.36 -2.51 -18.78
CA ALA A 333 16.75 -1.31 -18.05
C ALA A 333 17.63 -0.37 -18.87
N ILE A 334 17.39 0.94 -18.70
CA ILE A 334 18.16 2.02 -19.32
C ILE A 334 18.65 2.93 -18.20
N ILE A 335 19.98 2.97 -18.00
CA ILE A 335 20.59 3.82 -16.99
C ILE A 335 20.59 5.25 -17.51
N ILE A 336 19.92 6.13 -16.78
CA ILE A 336 19.82 7.54 -17.10
C ILE A 336 20.65 8.36 -16.12
N SER A 337 21.00 9.59 -16.51
CA SER A 337 21.77 10.51 -15.68
C SER A 337 20.89 11.22 -14.66
N ASN A 338 21.51 11.99 -13.74
CA ASN A 338 20.80 12.82 -12.78
C ASN A 338 21.30 14.27 -12.97
N PRO A 339 20.53 15.14 -13.65
CA PRO A 339 19.17 14.95 -14.19
C PRO A 339 19.12 14.34 -15.60
N ALA A 340 17.90 13.95 -16.03
CA ALA A 340 17.64 13.42 -17.36
C ALA A 340 16.25 13.85 -17.86
N VAL A 341 16.03 13.87 -19.19
CA VAL A 341 14.73 14.20 -19.78
C VAL A 341 14.33 13.05 -20.70
N ILE A 342 13.26 12.32 -20.32
CA ILE A 342 12.75 11.18 -21.07
C ILE A 342 11.49 11.58 -21.82
N ARG A 343 11.51 11.47 -23.14
CA ARG A 343 10.37 11.75 -23.99
C ARG A 343 9.63 10.43 -24.21
N LEU A 344 8.42 10.34 -23.65
CA LEU A 344 7.57 9.15 -23.77
C LEU A 344 6.34 9.55 -24.55
N HIS A 345 6.18 8.98 -25.76
CA HIS A 345 5.06 9.23 -26.68
C HIS A 345 4.86 10.75 -26.94
N GLY A 346 5.97 11.47 -27.08
CA GLY A 346 5.96 12.90 -27.34
C GLY A 346 5.85 13.80 -26.12
N ARG A 347 5.81 13.20 -24.91
CA ARG A 347 5.70 13.94 -23.65
C ARG A 347 7.02 13.94 -22.90
N ASP A 348 7.51 15.14 -22.54
CA ASP A 348 8.78 15.31 -21.83
C ASP A 348 8.68 15.14 -20.32
N PHE A 349 9.40 14.14 -19.80
CA PHE A 349 9.47 13.79 -18.38
C PHE A 349 10.86 14.12 -17.86
N LEU A 350 10.98 15.23 -17.11
CA LEU A 350 12.24 15.65 -16.51
C LEU A 350 12.42 14.92 -15.16
N ILE A 351 13.45 14.07 -15.09
CA ILE A 351 13.76 13.25 -13.92
C ILE A 351 15.02 13.79 -13.21
N ALA A 352 14.90 14.10 -11.93
CA ALA A 352 15.98 14.61 -11.08
C ALA A 352 15.82 13.98 -9.70
N HIS A 353 16.91 13.86 -8.93
CA HIS A 353 16.81 13.23 -7.62
C HIS A 353 16.06 14.08 -6.62
N GLY A 354 16.28 15.39 -6.62
CA GLY A 354 15.53 16.27 -5.74
C GLY A 354 16.32 17.02 -4.70
N ARG A 355 17.65 17.15 -4.89
CA ARG A 355 18.55 17.86 -3.99
C ARG A 355 18.15 19.31 -3.79
N GLY A 356 17.60 19.93 -4.83
CA GLY A 356 17.11 21.30 -4.83
C GLY A 356 15.92 21.59 -3.93
N ILE A 357 15.09 20.55 -3.61
CA ILE A 357 13.95 20.73 -2.70
C ILE A 357 14.47 21.12 -1.30
N GLU A 358 15.63 20.55 -0.86
CA GLU A 358 16.28 20.89 0.41
C GLU A 358 16.70 22.35 0.45
N ASP A 359 17.24 22.87 -0.67
CA ASP A 359 17.68 24.26 -0.83
C ASP A 359 16.51 25.22 -0.60
N VAL A 360 15.33 24.88 -1.15
CA VAL A 360 14.10 25.67 -1.03
C VAL A 360 13.58 25.69 0.41
N VAL A 361 13.49 24.51 1.07
CA VAL A 361 12.97 24.41 2.44
C VAL A 361 13.90 25.11 3.47
N SER A 362 15.22 25.16 3.23
CA SER A 362 16.15 25.86 4.12
C SER A 362 16.08 27.38 3.96
N PHE A 363 16.13 27.87 2.70
CA PHE A 363 16.12 29.29 2.37
C PHE A 363 14.75 29.97 2.43
N VAL A 364 13.66 29.24 2.16
CA VAL A 364 12.32 29.84 2.16
C VAL A 364 11.50 29.45 3.42
N PRO A 365 11.30 30.39 4.37
CA PRO A 365 10.48 30.09 5.55
C PRO A 365 9.00 30.05 5.17
N GLY A 366 8.32 29.01 5.65
CA GLY A 366 6.92 28.75 5.34
C GLY A 366 6.83 27.50 4.49
N LEU A 367 7.77 27.36 3.53
CA LEU A 367 7.88 26.19 2.67
C LEU A 367 8.66 25.12 3.44
N THR A 368 8.15 23.88 3.43
CA THR A 368 8.69 22.73 4.17
C THR A 368 8.36 21.41 3.46
N HIS A 369 8.89 20.27 3.99
CA HIS A 369 8.53 18.93 3.52
C HIS A 369 7.09 18.68 4.05
N HIS A 370 6.54 17.46 3.96
CA HIS A 370 5.10 17.12 4.23
C HIS A 370 4.28 17.64 3.08
N LYS A 371 4.87 18.52 2.25
CA LYS A 371 4.39 19.01 0.98
C LYS A 371 5.58 19.45 0.06
N PRO A 372 6.43 18.53 -0.50
CA PRO A 372 7.47 18.99 -1.45
C PRO A 372 6.98 19.59 -2.78
N GLY A 373 5.67 19.54 -3.04
CA GLY A 373 5.06 20.08 -4.25
C GLY A 373 5.32 21.55 -4.50
N LEU A 374 5.12 22.40 -3.47
CA LEU A 374 5.36 23.84 -3.55
C LEU A 374 6.87 24.16 -3.72
N PRO A 375 7.81 23.57 -2.94
CA PRO A 375 9.25 23.81 -3.23
C PRO A 375 9.64 23.43 -4.65
N MET A 376 9.03 22.36 -5.23
CA MET A 376 9.28 21.90 -6.60
C MET A 376 8.81 22.93 -7.62
N VAL A 377 7.68 23.63 -7.33
CA VAL A 377 7.12 24.69 -8.18
C VAL A 377 8.13 25.85 -8.29
N GLU A 378 8.76 26.20 -7.16
CA GLU A 378 9.78 27.26 -7.09
C GLU A 378 10.98 26.98 -7.95
N LEU A 379 11.41 25.69 -8.04
CA LEU A 379 12.54 25.27 -8.87
C LEU A 379 12.17 25.37 -10.35
N LEU A 380 10.92 25.05 -10.66
CA LEU A 380 10.37 25.13 -12.02
C LEU A 380 10.31 26.60 -12.49
N LYS A 381 9.86 27.49 -11.59
CA LYS A 381 9.75 28.92 -11.81
C LYS A 381 11.11 29.58 -12.00
N MET A 382 12.14 29.10 -11.25
CA MET A 382 13.52 29.57 -11.36
C MET A 382 14.21 28.95 -12.56
N ARG A 383 13.63 27.85 -13.10
CA ARG A 383 14.12 27.07 -14.24
C ARG A 383 15.53 26.53 -13.97
N HIS A 384 15.75 26.12 -12.71
CA HIS A 384 17.00 25.55 -12.22
C HIS A 384 16.68 24.55 -11.11
N LEU A 385 17.29 23.37 -11.19
CA LEU A 385 17.06 22.25 -10.27
C LEU A 385 17.72 22.39 -8.91
N ALA A 386 18.87 23.09 -8.83
CA ALA A 386 19.59 23.33 -7.57
C ALA A 386 20.45 24.59 -7.74
N PRO A 387 19.84 25.80 -7.60
CA PRO A 387 20.60 27.02 -7.82
C PRO A 387 21.59 27.36 -6.70
N THR A 388 21.17 27.13 -5.44
CA THR A 388 21.92 27.42 -4.22
C THR A 388 23.27 26.69 -4.14
N PHE A 389 24.33 27.40 -3.73
CA PHE A 389 25.67 26.82 -3.50
C PHE A 389 25.98 26.71 -2.01
N GLY A 390 26.76 25.70 -1.64
CA GLY A 390 27.23 25.54 -0.28
C GLY A 390 26.61 24.47 0.60
N GLY A 391 25.37 24.08 0.31
CA GLY A 391 24.67 23.07 1.09
C GLY A 391 25.37 21.72 1.06
N LYS A 392 24.74 20.69 1.69
CA LYS A 392 25.31 19.34 1.61
C LYS A 392 25.23 18.95 0.12
N VAL A 393 24.47 19.81 -0.68
CA VAL A 393 24.24 19.83 -2.14
C VAL A 393 25.55 20.24 -2.85
N PRO A 394 26.38 19.25 -3.22
CA PRO A 394 27.63 19.59 -3.90
C PRO A 394 27.40 19.84 -5.39
N ILE A 395 27.56 21.09 -5.82
CA ILE A 395 27.42 21.45 -7.23
C ILE A 395 28.80 21.46 -7.88
N ALA A 396 28.94 20.64 -8.93
CA ALA A 396 30.18 20.48 -9.67
C ALA A 396 30.55 21.72 -10.45
N PRO A 397 31.84 22.15 -10.38
CA PRO A 397 32.27 23.31 -11.19
C PRO A 397 32.54 22.91 -12.64
N ASP A 398 31.47 22.47 -13.33
CA ASP A 398 31.50 22.01 -14.72
C ASP A 398 31.52 23.17 -15.75
N PRO A 399 31.92 22.94 -17.03
CA PRO A 399 31.98 24.05 -18.00
C PRO A 399 30.62 24.63 -18.40
N GLU A 400 29.60 23.77 -18.45
CA GLU A 400 28.22 24.13 -18.81
C GLU A 400 27.33 23.79 -17.63
N ASP A 401 26.28 24.61 -17.38
CA ASP A 401 25.33 24.36 -16.33
C ASP A 401 24.22 23.49 -16.89
N LEU A 402 24.27 22.19 -16.56
CA LEU A 402 23.31 21.19 -17.00
C LEU A 402 22.13 21.02 -16.02
N LEU A 403 22.07 21.89 -14.99
CA LEU A 403 21.00 21.92 -14.01
C LEU A 403 19.91 22.93 -14.34
N VAL A 404 20.12 23.73 -15.42
CA VAL A 404 19.17 24.70 -15.95
C VAL A 404 18.08 23.90 -16.69
N ILE A 405 16.80 24.16 -16.39
CA ILE A 405 15.67 23.53 -17.09
C ILE A 405 15.53 24.34 -18.41
N GLU A 406 16.34 23.98 -19.42
CA GLU A 406 16.40 24.66 -20.73
C GLU A 406 15.09 24.66 -21.49
N GLU A 407 14.39 23.53 -21.46
CA GLU A 407 13.11 23.40 -22.13
C GLU A 407 12.02 23.07 -21.13
N VAL A 408 10.79 23.45 -21.45
CA VAL A 408 9.63 23.28 -20.58
C VAL A 408 9.16 21.82 -20.58
N PRO A 409 9.20 21.12 -19.42
CA PRO A 409 8.73 19.72 -19.40
C PRO A 409 7.21 19.63 -19.20
N ASP A 410 6.67 18.43 -19.45
CA ASP A 410 5.25 18.17 -19.24
C ASP A 410 5.06 17.64 -17.81
N LEU A 411 6.08 16.93 -17.31
CA LEU A 411 6.13 16.35 -15.98
C LEU A 411 7.54 16.47 -15.41
N VAL A 412 7.63 16.78 -14.10
CA VAL A 412 8.86 16.83 -13.32
C VAL A 412 8.75 15.80 -12.20
N GLN A 413 9.63 14.78 -12.22
CA GLN A 413 9.67 13.78 -11.17
C GLN A 413 10.91 13.96 -10.31
N MET A 414 10.71 14.00 -9.00
CA MET A 414 11.79 14.10 -8.02
C MET A 414 11.57 13.13 -6.89
N GLY A 415 12.65 12.73 -6.25
CA GLY A 415 12.63 11.86 -5.07
C GLY A 415 13.25 12.63 -3.92
N HIS A 416 14.26 12.02 -3.29
CA HIS A 416 15.10 12.57 -2.23
C HIS A 416 14.39 12.87 -0.90
N VAL A 417 13.28 13.66 -0.86
CA VAL A 417 12.67 14.08 0.40
C VAL A 417 11.84 12.98 1.15
N HIS A 418 11.51 11.87 0.47
CA HIS A 418 10.80 10.70 1.03
C HIS A 418 9.32 10.96 1.37
N VAL A 419 8.75 12.07 0.85
CA VAL A 419 7.35 12.42 1.07
C VAL A 419 6.66 12.57 -0.28
N TYR A 420 5.52 11.87 -0.45
CA TYR A 420 4.73 11.96 -1.69
C TYR A 420 4.01 13.32 -1.76
N ASP A 421 3.85 13.84 -2.98
CA ASP A 421 3.11 15.04 -3.32
C ASP A 421 2.98 15.13 -4.84
N ALA A 422 1.97 15.88 -5.31
CA ALA A 422 1.68 16.11 -6.73
C ALA A 422 0.91 17.41 -6.84
N VAL A 423 1.37 18.31 -7.72
CA VAL A 423 0.78 19.63 -7.94
C VAL A 423 1.02 20.05 -9.39
N VAL A 424 0.01 20.69 -10.01
CA VAL A 424 0.10 21.17 -11.39
C VAL A 424 0.35 22.68 -11.41
N TYR A 425 1.42 23.12 -12.10
CA TYR A 425 1.74 24.53 -12.26
C TYR A 425 1.88 24.84 -13.74
N ARG A 426 0.95 25.64 -14.28
CA ARG A 426 0.88 26.06 -15.69
C ARG A 426 0.98 24.88 -16.68
N GLY A 427 0.19 23.84 -16.44
CA GLY A 427 0.14 22.64 -17.27
C GLY A 427 1.23 21.61 -17.03
N VAL A 428 2.20 21.94 -16.16
CA VAL A 428 3.32 21.07 -15.79
C VAL A 428 2.97 20.33 -14.50
N GLN A 429 3.12 19.00 -14.50
CA GLN A 429 2.88 18.14 -13.35
C GLN A 429 4.17 18.00 -12.54
N LEU A 430 4.15 18.48 -11.30
CA LEU A 430 5.26 18.35 -10.34
C LEU A 430 4.86 17.18 -9.44
N VAL A 431 5.73 16.16 -9.30
CA VAL A 431 5.42 14.98 -8.50
C VAL A 431 6.65 14.41 -7.78
N ASN A 432 6.48 14.09 -6.49
CA ASN A 432 7.51 13.46 -5.67
C ASN A 432 7.11 12.00 -5.44
N SER A 433 7.91 11.06 -5.99
CA SER A 433 7.67 9.62 -5.99
C SER A 433 7.95 8.91 -4.63
N ALA A 434 8.11 9.70 -3.53
CA ALA A 434 8.29 9.26 -2.15
C ALA A 434 9.51 8.32 -1.93
N THR A 435 9.30 7.17 -1.25
CA THR A 435 10.35 6.22 -0.85
C THR A 435 9.81 4.81 -0.57
N TRP A 436 10.72 3.83 -0.48
CA TRP A 436 10.42 2.46 -0.07
C TRP A 436 11.13 2.20 1.26
N GLN A 437 11.56 3.28 1.94
CA GLN A 437 12.28 3.24 3.21
C GLN A 437 11.47 3.87 4.32
N ALA A 438 11.21 3.11 5.40
CA ALA A 438 10.51 3.56 6.61
C ALA A 438 11.47 4.47 7.41
N GLN A 439 10.95 5.24 8.39
CA GLN A 439 11.75 6.16 9.19
C GLN A 439 12.95 5.52 9.91
N THR A 440 14.15 5.97 9.55
CA THR A 440 15.42 5.53 10.13
C THR A 440 15.66 6.29 11.44
N GLU A 441 16.63 5.81 12.23
CA GLU A 441 17.11 6.40 13.48
C GLU A 441 17.51 7.85 13.18
N PHE A 442 18.37 8.07 12.17
CA PHE A 442 18.87 9.37 11.73
C PHE A 442 17.77 10.32 11.30
N GLN A 443 16.77 9.83 10.52
CA GLN A 443 15.61 10.61 10.05
C GLN A 443 14.79 11.12 11.25
N LYS A 444 14.57 10.25 12.27
CA LYS A 444 13.87 10.58 13.52
C LYS A 444 14.53 11.77 14.22
N MET A 445 15.89 11.75 14.29
CA MET A 445 16.73 12.78 14.91
C MET A 445 16.68 14.11 14.19
N VAL A 446 16.64 14.11 12.83
CA VAL A 446 16.61 15.33 12.02
C VAL A 446 15.15 15.71 11.64
N ASN A 447 14.18 15.05 12.29
CA ASN A 447 12.74 15.23 12.19
C ASN A 447 12.16 15.06 10.75
N ILE A 448 12.63 14.02 10.02
CA ILE A 448 12.11 13.66 8.69
C ILE A 448 11.10 12.52 8.87
N VAL A 449 9.84 12.78 8.45
CA VAL A 449 8.72 11.84 8.56
C VAL A 449 8.35 11.37 7.14
N PRO A 450 8.78 10.17 6.74
CA PRO A 450 8.48 9.70 5.37
C PRO A 450 7.04 9.20 5.14
N THR A 451 6.67 9.05 3.87
CA THR A 451 5.39 8.46 3.44
C THR A 451 5.78 7.26 2.54
N PRO A 452 6.25 6.13 3.14
CA PRO A 452 6.68 5.00 2.32
C PRO A 452 5.57 4.25 1.57
N ALA A 453 5.96 3.62 0.46
CA ALA A 453 5.16 2.76 -0.42
C ALA A 453 3.94 3.46 -1.07
N LYS A 454 4.09 4.75 -1.43
CA LYS A 454 3.05 5.50 -2.16
C LYS A 454 3.57 5.72 -3.60
N VAL A 455 2.95 5.01 -4.57
CA VAL A 455 3.37 4.96 -5.98
C VAL A 455 2.48 5.78 -6.95
N PRO A 456 3.00 6.90 -7.52
CA PRO A 456 2.21 7.66 -8.50
C PRO A 456 2.07 6.90 -9.83
N VAL A 457 0.82 6.83 -10.34
CA VAL A 457 0.46 6.23 -11.61
C VAL A 457 0.21 7.40 -12.57
N VAL A 458 1.01 7.46 -13.65
CA VAL A 458 0.97 8.56 -14.62
C VAL A 458 0.37 8.14 -15.96
N ASP A 459 -0.63 8.92 -16.44
CA ASP A 459 -1.22 8.74 -17.76
C ASP A 459 -0.33 9.56 -18.69
N VAL A 460 0.47 8.88 -19.53
CA VAL A 460 1.44 9.47 -20.46
C VAL A 460 0.80 10.55 -21.38
N GLU A 461 -0.40 10.30 -21.91
CA GLU A 461 -1.14 11.21 -22.79
C GLU A 461 -1.32 12.61 -22.19
N SER A 462 -1.80 12.72 -20.95
CA SER A 462 -2.00 14.02 -20.30
C SER A 462 -0.79 14.44 -19.46
N ALA A 463 0.16 13.49 -19.25
CA ALA A 463 1.36 13.61 -18.41
C ALA A 463 0.91 14.06 -16.99
N ARG A 464 -0.08 13.33 -16.46
CA ARG A 464 -0.68 13.59 -15.15
C ARG A 464 -0.73 12.36 -14.25
N VAL A 465 -0.60 12.59 -12.93
CA VAL A 465 -0.77 11.57 -11.90
C VAL A 465 -2.30 11.40 -11.83
N VAL A 466 -2.77 10.17 -12.12
CA VAL A 466 -4.20 9.82 -12.18
C VAL A 466 -4.63 8.98 -10.97
N LYS A 467 -3.69 8.24 -10.40
CA LYS A 467 -3.90 7.38 -9.24
C LYS A 467 -2.61 7.30 -8.43
N VAL A 468 -2.74 6.88 -7.17
CA VAL A 468 -1.63 6.67 -6.25
C VAL A 468 -1.85 5.29 -5.67
N LEU A 469 -0.91 4.38 -5.92
CA LEU A 469 -0.95 3.03 -5.37
C LEU A 469 -0.39 3.07 -3.95
N ASP A 470 -1.16 2.58 -2.96
CA ASP A 470 -0.74 2.59 -1.57
C ASP A 470 -0.41 1.17 -1.07
N PHE A 471 0.90 0.88 -0.94
CA PHE A 471 1.40 -0.41 -0.45
C PHE A 471 1.86 -0.31 1.03
N SER A 472 1.56 0.83 1.71
CA SER A 472 1.98 1.10 3.08
C SER A 472 1.37 0.16 4.14
N GLY A 473 0.31 -0.57 3.78
CA GLY A 473 -0.29 -1.57 4.66
C GLY A 473 0.71 -2.68 4.97
N TRP A 474 1.68 -2.88 4.05
CA TRP A 474 2.77 -3.85 4.13
C TRP A 474 4.03 -3.30 4.83
N CYS A 475 3.92 -2.10 5.46
CA CYS A 475 4.97 -1.46 6.26
C CYS A 475 4.50 -1.33 7.72
N VAL B 8 -4.37 -8.84 39.08
CA VAL B 8 -3.85 -7.50 38.79
C VAL B 8 -3.06 -7.53 37.45
N VAL B 9 -3.58 -6.81 36.44
CA VAL B 9 -3.00 -6.71 35.09
C VAL B 9 -1.97 -5.56 35.04
N LEU B 10 -0.81 -5.77 34.35
CA LEU B 10 0.22 -4.74 34.19
C LEU B 10 0.52 -4.50 32.71
N ASP B 11 0.71 -3.21 32.31
CA ASP B 11 0.87 -2.79 30.92
C ASP B 11 2.25 -2.31 30.47
N LYS B 12 2.44 -2.28 29.13
CA LYS B 12 3.63 -1.79 28.42
C LYS B 12 3.14 -0.97 27.25
N TYR B 13 3.34 0.37 27.34
CA TYR B 13 2.89 1.39 26.37
C TYR B 13 1.35 1.39 26.16
N GLY B 14 0.62 0.98 27.20
CA GLY B 14 -0.83 0.91 27.23
C GLY B 14 -1.47 -0.46 27.10
N TYR B 15 -0.78 -1.40 26.44
CA TYR B 15 -1.29 -2.75 26.14
C TYR B 15 -1.08 -3.79 27.29
N PRO B 16 -2.11 -4.63 27.63
CA PRO B 16 -1.93 -5.65 28.69
C PRO B 16 -0.92 -6.72 28.28
N ILE B 17 0.17 -6.82 29.05
CA ILE B 17 1.28 -7.74 28.76
C ILE B 17 1.41 -8.89 29.76
N LEU B 18 1.11 -8.65 31.05
CA LEU B 18 1.20 -9.68 32.08
C LEU B 18 0.32 -9.41 33.32
N TYR B 19 0.37 -10.33 34.30
CA TYR B 19 -0.34 -10.25 35.57
C TYR B 19 0.68 -10.12 36.70
N TYR B 30 6.89 -22.21 35.01
CA TYR B 30 6.37 -22.81 33.79
C TYR B 30 7.42 -22.89 32.67
N SER B 31 7.15 -23.76 31.66
CA SER B 31 8.00 -23.94 30.48
C SER B 31 7.38 -23.28 29.22
N LYS B 32 8.23 -22.94 28.24
CA LYS B 32 7.85 -22.32 26.98
C LYS B 32 8.12 -23.27 25.80
N TYR B 33 8.14 -24.59 26.04
CA TYR B 33 8.40 -25.65 25.05
C TYR B 33 9.77 -25.54 24.37
N GLU B 34 10.70 -24.84 25.05
CA GLU B 34 12.09 -24.58 24.63
C GLU B 34 12.82 -25.90 24.36
N ASP B 35 12.40 -26.96 25.08
CA ASP B 35 12.88 -28.34 25.07
C ASP B 35 12.31 -29.17 23.90
N VAL B 36 11.04 -28.94 23.51
CA VAL B 36 10.30 -29.67 22.47
C VAL B 36 11.04 -29.67 21.11
N VAL B 37 11.39 -30.89 20.64
CA VAL B 37 12.07 -31.15 19.37
C VAL B 37 11.43 -32.40 18.72
N ILE B 38 10.83 -32.25 17.52
CA ILE B 38 10.23 -33.36 16.77
C ILE B 38 10.87 -33.48 15.39
N GLU B 39 11.57 -34.59 15.15
CA GLU B 39 12.23 -34.83 13.88
C GLU B 39 11.25 -35.48 12.92
N TRP B 40 11.52 -35.35 11.61
CA TRP B 40 10.71 -35.96 10.56
C TRP B 40 10.96 -37.48 10.57
N ASN B 41 9.90 -38.28 10.31
CA ASN B 41 9.99 -39.73 10.27
C ASN B 41 10.62 -40.17 8.94
N PRO B 42 11.82 -40.83 8.97
CA PRO B 42 12.50 -41.21 7.72
C PRO B 42 11.77 -42.23 6.85
N SER B 43 10.96 -43.11 7.47
CA SER B 43 10.15 -44.14 6.80
C SER B 43 9.22 -43.53 5.75
N VAL B 44 8.73 -42.32 6.05
CA VAL B 44 7.82 -41.54 5.21
C VAL B 44 8.61 -40.55 4.37
N THR B 45 8.46 -40.62 3.03
CA THR B 45 9.08 -39.67 2.10
C THR B 45 7.98 -38.72 1.60
N PRO B 46 8.21 -37.38 1.67
CA PRO B 46 7.17 -36.44 1.19
C PRO B 46 7.07 -36.46 -0.33
N VAL B 47 5.84 -36.42 -0.86
CA VAL B 47 5.57 -36.40 -2.30
C VAL B 47 6.04 -35.05 -2.83
N GLN B 48 6.94 -35.08 -3.84
CA GLN B 48 7.47 -33.87 -4.44
C GLN B 48 6.44 -33.20 -5.35
N ILE B 49 5.81 -32.14 -4.84
CA ILE B 49 4.81 -31.35 -5.55
C ILE B 49 5.13 -29.86 -5.47
N GLU B 50 4.82 -29.09 -6.53
CA GLU B 50 5.10 -27.65 -6.58
C GLU B 50 4.16 -26.87 -5.66
N LYS B 51 4.72 -25.98 -4.85
CA LYS B 51 3.95 -25.15 -3.95
C LYS B 51 3.31 -24.01 -4.70
N ASN B 52 1.99 -24.12 -4.91
CA ASN B 52 1.18 -23.14 -5.63
C ASN B 52 0.23 -22.42 -4.66
N TYR B 53 0.71 -21.33 -4.04
CA TYR B 53 -0.09 -20.53 -3.11
C TYR B 53 -0.02 -19.03 -3.38
N GLU B 54 -1.08 -18.31 -3.02
CA GLU B 54 -1.19 -16.86 -3.22
C GLU B 54 -2.16 -16.29 -2.19
N VAL B 55 -1.77 -15.21 -1.50
CA VAL B 55 -2.68 -14.55 -0.56
C VAL B 55 -3.48 -13.59 -1.47
N LYS B 56 -4.64 -14.08 -1.94
CA LYS B 56 -5.54 -13.38 -2.85
C LYS B 56 -6.08 -12.11 -2.21
N PHE B 57 -6.44 -12.19 -0.91
CA PHE B 57 -6.95 -11.06 -0.16
C PHE B 57 -6.34 -10.97 1.22
N ASP B 58 -5.94 -9.75 1.59
CA ASP B 58 -5.43 -9.38 2.90
C ASP B 58 -5.90 -7.96 3.18
N VAL B 59 -6.21 -7.66 4.44
CA VAL B 59 -6.64 -6.33 4.88
C VAL B 59 -5.57 -5.25 4.56
N ARG B 60 -4.28 -5.65 4.53
CA ARG B 60 -3.11 -4.79 4.29
C ARG B 60 -2.85 -4.50 2.81
N GLN B 61 -3.63 -5.14 1.89
CA GLN B 61 -3.58 -5.05 0.42
C GLN B 61 -3.37 -3.65 -0.13
N VAL B 62 -2.83 -3.59 -1.36
CA VAL B 62 -2.67 -2.32 -2.09
C VAL B 62 -4.04 -1.62 -2.25
N LYS B 63 -4.04 -0.30 -2.13
CA LYS B 63 -5.24 0.48 -2.31
C LYS B 63 -4.97 1.53 -3.36
N LEU B 64 -5.65 1.40 -4.51
CA LEU B 64 -5.59 2.32 -5.64
C LEU B 64 -6.36 3.54 -5.18
N ARG B 65 -5.65 4.66 -5.02
CA ARG B 65 -6.20 5.88 -4.44
C ARG B 65 -6.21 7.07 -5.39
N PRO B 66 -7.10 8.06 -5.20
CA PRO B 66 -7.07 9.25 -6.08
C PRO B 66 -5.79 10.09 -5.85
N PRO B 67 -5.36 10.94 -6.82
CA PRO B 67 -4.12 11.73 -6.61
C PRO B 67 -4.07 12.69 -5.43
N LYS B 68 -5.25 13.05 -4.88
CA LYS B 68 -5.39 14.00 -3.78
C LYS B 68 -6.59 13.65 -2.89
N VAL B 81 -19.02 14.78 11.28
CA VAL B 81 -19.44 13.63 10.48
C VAL B 81 -19.66 12.36 11.33
N GLU B 82 -20.52 11.45 10.83
CA GLU B 82 -20.85 10.17 11.44
C GLU B 82 -19.68 9.19 11.20
N ALA B 83 -19.20 8.57 12.28
CA ALA B 83 -18.10 7.60 12.30
C ALA B 83 -18.27 6.41 11.34
N TYR B 84 -19.48 5.87 11.24
CA TYR B 84 -19.78 4.70 10.41
C TYR B 84 -20.37 5.01 9.04
N ALA B 85 -20.60 6.30 8.71
CA ALA B 85 -21.17 6.73 7.42
C ALA B 85 -20.44 6.11 6.21
N SER B 86 -19.10 6.18 6.18
CA SER B 86 -18.28 5.66 5.09
C SER B 86 -18.33 4.14 5.02
N LEU B 87 -18.46 3.46 6.19
CA LEU B 87 -18.52 2.01 6.28
C LEU B 87 -19.81 1.48 5.65
N PHE B 88 -20.96 2.08 5.99
CA PHE B 88 -22.26 1.69 5.46
C PHE B 88 -22.40 2.00 3.96
N LYS B 89 -21.79 3.11 3.51
CA LYS B 89 -21.76 3.50 2.10
C LYS B 89 -20.99 2.40 1.30
N SER B 90 -19.86 1.93 1.87
CA SER B 90 -19.01 0.88 1.29
C SER B 90 -19.71 -0.48 1.23
N ARG B 91 -20.36 -0.89 2.35
CA ARG B 91 -21.11 -2.14 2.51
C ARG B 91 -22.23 -2.22 1.48
N LEU B 92 -23.05 -1.16 1.43
CA LEU B 92 -24.18 -1.06 0.50
C LEU B 92 -23.74 -1.14 -0.96
N SER B 93 -22.68 -0.37 -1.32
CA SER B 93 -22.13 -0.35 -2.68
C SER B 93 -21.64 -1.74 -3.13
N LYS B 94 -20.92 -2.44 -2.23
CA LYS B 94 -20.36 -3.77 -2.50
C LYS B 94 -21.40 -4.87 -2.63
N LEU B 95 -22.36 -4.93 -1.69
CA LEU B 95 -23.39 -5.96 -1.68
C LEU B 95 -24.48 -5.71 -2.73
N LYS B 96 -24.73 -4.44 -3.09
CA LYS B 96 -25.67 -4.04 -4.16
C LYS B 96 -25.15 -4.61 -5.51
N ARG B 97 -23.81 -4.61 -5.67
CA ARG B 97 -23.12 -5.13 -6.85
C ARG B 97 -23.34 -6.66 -6.94
N ILE B 98 -23.24 -7.38 -5.82
CA ILE B 98 -23.41 -8.84 -5.72
C ILE B 98 -24.86 -9.24 -6.00
N LEU B 99 -25.83 -8.43 -5.50
CA LEU B 99 -27.26 -8.67 -5.72
C LEU B 99 -27.61 -8.48 -7.19
N ARG B 100 -27.08 -7.43 -7.83
CA ARG B 100 -27.29 -7.13 -9.25
C ARG B 100 -26.75 -8.21 -10.21
N GLU B 101 -25.92 -9.12 -9.67
CA GLU B 101 -25.34 -10.24 -10.42
C GLU B 101 -26.29 -11.44 -10.46
N ASN B 102 -27.40 -11.38 -9.69
CA ASN B 102 -28.45 -12.40 -9.67
C ASN B 102 -29.35 -12.14 -10.89
N PRO B 103 -29.50 -13.13 -11.80
CA PRO B 103 -30.33 -12.92 -13.00
C PRO B 103 -31.81 -12.66 -12.72
N GLU B 104 -32.30 -13.11 -11.54
CA GLU B 104 -33.69 -12.95 -11.09
C GLU B 104 -34.00 -11.53 -10.60
N ILE B 105 -32.97 -10.72 -10.31
CA ILE B 105 -33.12 -9.34 -9.84
C ILE B 105 -33.12 -8.39 -11.04
N SER B 106 -34.28 -7.78 -11.29
CA SER B 106 -34.48 -6.86 -12.40
C SER B 106 -35.33 -5.67 -11.99
N ASN B 107 -35.28 -4.60 -12.80
CA ASN B 107 -36.04 -3.37 -12.60
C ASN B 107 -35.76 -2.73 -11.24
N VAL B 108 -34.47 -2.53 -10.96
CA VAL B 108 -34.04 -1.93 -9.70
C VAL B 108 -34.24 -0.42 -9.74
N VAL B 109 -34.91 0.11 -8.71
CA VAL B 109 -35.17 1.54 -8.58
C VAL B 109 -34.63 2.04 -7.23
N ASP B 110 -34.05 3.24 -7.21
CA ASP B 110 -33.56 3.88 -5.98
C ASP B 110 -34.75 4.15 -5.06
N ILE B 111 -34.55 4.00 -3.74
CA ILE B 111 -35.60 4.23 -2.73
C ILE B 111 -36.11 5.70 -2.79
N GLY B 112 -35.21 6.63 -3.07
CA GLY B 112 -35.54 8.05 -3.21
C GLY B 112 -36.31 8.41 -4.47
N LYS B 113 -36.45 7.45 -5.40
CA LYS B 113 -37.16 7.62 -6.67
C LYS B 113 -38.46 6.81 -6.73
N LEU B 114 -38.80 6.06 -5.66
CA LEU B 114 -40.04 5.30 -5.56
C LEU B 114 -41.27 6.19 -5.78
N ASN B 115 -41.09 7.52 -5.62
CA ASN B 115 -42.10 8.55 -5.84
C ASN B 115 -42.46 8.63 -7.33
N TYR B 116 -41.49 8.33 -8.21
CA TYR B 116 -41.63 8.43 -9.67
C TYR B 116 -42.14 7.16 -10.37
N VAL B 117 -42.39 6.08 -9.63
CA VAL B 117 -42.86 4.82 -10.24
C VAL B 117 -44.37 4.66 -10.04
N SER B 118 -44.98 3.73 -10.81
CA SER B 118 -46.41 3.40 -10.71
C SER B 118 -46.63 2.38 -9.59
N GLY B 119 -47.75 2.50 -8.90
CA GLY B 119 -48.15 1.61 -7.82
C GLY B 119 -48.59 0.24 -8.29
N ASP B 120 -48.79 0.09 -9.61
CA ASP B 120 -49.18 -1.17 -10.25
C ASP B 120 -48.01 -1.77 -11.07
N GLU B 121 -46.81 -1.14 -10.96
CA GLU B 121 -45.59 -1.59 -11.61
C GLU B 121 -44.68 -2.21 -10.55
N GLU B 122 -44.27 -3.45 -10.81
CA GLU B 122 -43.45 -4.25 -9.94
C GLU B 122 -41.99 -3.83 -10.08
N VAL B 123 -41.41 -3.38 -8.97
CA VAL B 123 -40.02 -2.91 -8.91
C VAL B 123 -39.21 -3.67 -7.84
N THR B 124 -37.89 -3.51 -7.90
CA THR B 124 -36.96 -4.09 -6.95
C THR B 124 -36.18 -2.95 -6.30
N ILE B 125 -36.01 -3.02 -4.99
CA ILE B 125 -35.23 -2.04 -4.22
C ILE B 125 -34.13 -2.80 -3.48
N ILE B 126 -32.93 -2.19 -3.40
CA ILE B 126 -31.77 -2.75 -2.70
C ILE B 126 -31.39 -1.77 -1.59
N GLY B 127 -31.22 -2.28 -0.37
CA GLY B 127 -30.84 -1.46 0.76
C GLY B 127 -30.45 -2.21 2.01
N LEU B 128 -29.95 -1.47 3.01
CA LEU B 128 -29.54 -1.96 4.33
C LEU B 128 -30.77 -2.15 5.21
N VAL B 129 -30.84 -3.27 5.94
CA VAL B 129 -31.93 -3.52 6.87
C VAL B 129 -31.62 -2.68 8.15
N ASN B 130 -32.17 -1.45 8.23
CA ASN B 130 -31.95 -0.58 9.39
C ASN B 130 -32.64 -1.18 10.62
N SER B 131 -33.95 -1.48 10.48
CA SER B 131 -34.74 -2.11 11.55
C SER B 131 -35.62 -3.23 10.99
N LYS B 132 -36.00 -4.18 11.87
CA LYS B 132 -36.82 -5.34 11.54
C LYS B 132 -37.75 -5.64 12.73
N ARG B 133 -39.07 -5.61 12.49
CA ARG B 133 -40.10 -5.81 13.50
C ARG B 133 -41.19 -6.78 13.01
N GLU B 134 -41.63 -7.72 13.87
CA GLU B 134 -42.67 -8.68 13.50
C GLU B 134 -44.07 -8.34 14.05
N THR B 135 -45.08 -8.35 13.16
CA THR B 135 -46.49 -8.17 13.49
C THR B 135 -47.25 -9.48 13.25
N ASN B 136 -48.56 -9.48 13.54
CA ASN B 136 -49.48 -10.59 13.37
C ASN B 136 -49.68 -10.96 11.90
N ARG B 137 -49.53 -9.97 10.99
CA ARG B 137 -49.76 -10.12 9.55
C ARG B 137 -48.47 -10.20 8.69
N GLY B 138 -47.29 -10.00 9.28
CA GLY B 138 -46.03 -10.08 8.54
C GLY B 138 -44.82 -9.45 9.19
N LEU B 139 -43.84 -9.04 8.36
CA LEU B 139 -42.59 -8.42 8.81
C LEU B 139 -42.48 -6.97 8.31
N ILE B 140 -42.09 -6.05 9.21
CA ILE B 140 -41.89 -4.63 8.91
C ILE B 140 -40.39 -4.30 8.95
N PHE B 141 -39.85 -3.91 7.79
CA PHE B 141 -38.45 -3.55 7.64
C PHE B 141 -38.30 -2.07 7.35
N GLU B 142 -37.25 -1.45 7.89
CA GLU B 142 -36.90 -0.09 7.54
C GLU B 142 -35.66 -0.26 6.67
N VAL B 143 -35.84 -0.15 5.35
CA VAL B 143 -34.78 -0.36 4.38
C VAL B 143 -34.22 0.98 3.91
N GLU B 144 -32.89 1.12 3.94
CA GLU B 144 -32.23 2.35 3.53
C GLU B 144 -31.19 2.14 2.45
N ASP B 145 -31.22 3.00 1.42
CA ASP B 145 -30.21 3.01 0.38
C ASP B 145 -29.52 4.40 0.39
N LYS B 146 -28.67 4.68 -0.60
CA LYS B 146 -27.95 5.95 -0.73
C LYS B 146 -28.86 7.16 -1.01
N THR B 147 -30.08 6.92 -1.57
CA THR B 147 -31.03 7.95 -1.99
C THR B 147 -32.21 8.19 -1.03
N GLY B 148 -32.47 7.27 -0.11
CA GLY B 148 -33.59 7.41 0.82
C GLY B 148 -33.84 6.24 1.75
N ILE B 149 -34.95 6.32 2.52
CA ILE B 149 -35.41 5.32 3.49
C ILE B 149 -36.88 5.01 3.19
N VAL B 150 -37.28 3.72 3.36
CA VAL B 150 -38.65 3.28 3.12
C VAL B 150 -39.05 2.14 4.07
N LYS B 151 -40.33 2.12 4.48
CA LYS B 151 -40.90 1.06 5.31
C LYS B 151 -41.36 -0.02 4.32
N VAL B 152 -40.91 -1.26 4.54
CA VAL B 152 -41.21 -2.42 3.69
C VAL B 152 -42.03 -3.42 4.48
N PHE B 153 -43.15 -3.84 3.90
CA PHE B 153 -44.01 -4.85 4.49
C PHE B 153 -43.96 -6.13 3.66
N LEU B 154 -43.67 -7.25 4.31
CA LEU B 154 -43.66 -8.56 3.67
C LEU B 154 -44.66 -9.45 4.39
N PRO B 155 -45.74 -9.89 3.70
CA PRO B 155 -46.75 -10.74 4.37
C PRO B 155 -46.22 -12.13 4.74
N LYS B 156 -46.91 -12.80 5.68
CA LYS B 156 -46.58 -14.12 6.24
C LYS B 156 -46.48 -15.25 5.21
N ASP B 157 -47.38 -15.29 4.19
CA ASP B 157 -47.30 -16.37 3.19
C ASP B 157 -46.49 -15.98 1.93
N SER B 158 -45.45 -15.17 2.13
CA SER B 158 -44.51 -14.86 1.07
C SER B 158 -43.65 -16.12 1.03
N GLU B 159 -43.17 -16.52 -0.16
CA GLU B 159 -42.34 -17.72 -0.31
C GLU B 159 -41.07 -17.58 0.51
N ASP B 160 -40.47 -16.39 0.45
CA ASP B 160 -39.21 -16.05 1.07
C ASP B 160 -39.32 -15.52 2.51
N TYR B 161 -40.52 -15.64 3.15
CA TYR B 161 -40.77 -15.17 4.53
C TYR B 161 -39.81 -15.71 5.58
N ARG B 162 -39.56 -17.04 5.58
CA ARG B 162 -38.69 -17.66 6.60
C ARG B 162 -37.23 -17.19 6.49
N GLU B 163 -36.74 -16.83 5.27
CA GLU B 163 -35.38 -16.31 5.09
CA GLU B 163 -35.38 -16.28 5.05
C GLU B 163 -35.33 -14.84 5.55
N ALA B 164 -36.45 -14.10 5.36
CA ALA B 164 -36.59 -12.70 5.78
C ALA B 164 -36.71 -12.64 7.29
N PHE B 165 -37.15 -13.76 7.91
CA PHE B 165 -37.27 -13.90 9.35
C PHE B 165 -35.89 -14.14 9.95
N LYS B 166 -34.97 -14.77 9.19
CA LYS B 166 -33.60 -15.09 9.61
C LYS B 166 -32.60 -13.94 9.38
N VAL B 167 -32.87 -13.01 8.43
CA VAL B 167 -31.90 -11.97 8.07
C VAL B 167 -31.54 -11.05 9.26
N LEU B 168 -30.22 -10.90 9.46
CA LEU B 168 -29.64 -10.08 10.51
C LEU B 168 -29.79 -8.59 10.16
N PRO B 169 -29.97 -7.68 11.13
CA PRO B 169 -30.04 -6.24 10.77
C PRO B 169 -28.66 -5.76 10.34
N ASP B 170 -28.65 -4.73 9.47
CA ASP B 170 -27.48 -4.09 8.87
C ASP B 170 -26.88 -4.95 7.76
N ALA B 171 -27.65 -5.97 7.31
CA ALA B 171 -27.31 -6.78 6.15
C ALA B 171 -27.94 -6.04 4.94
N VAL B 172 -27.42 -6.26 3.73
CA VAL B 172 -27.94 -5.64 2.51
C VAL B 172 -28.80 -6.66 1.78
N VAL B 173 -30.07 -6.31 1.55
CA VAL B 173 -31.05 -7.19 0.90
C VAL B 173 -31.76 -6.50 -0.27
N ALA B 174 -32.56 -7.28 -1.01
CA ALA B 174 -33.39 -6.80 -2.10
C ALA B 174 -34.85 -7.23 -1.87
N PHE B 175 -35.78 -6.37 -2.30
CA PHE B 175 -37.22 -6.61 -2.19
C PHE B 175 -37.89 -6.32 -3.50
N LYS B 176 -38.67 -7.29 -4.01
CA LYS B 176 -39.49 -7.12 -5.21
C LYS B 176 -40.93 -6.96 -4.74
N GLY B 177 -41.60 -5.93 -5.23
CA GLY B 177 -42.99 -5.64 -4.89
C GLY B 177 -43.53 -4.37 -5.51
N PHE B 178 -44.59 -3.82 -4.89
CA PHE B 178 -45.27 -2.62 -5.34
C PHE B 178 -45.19 -1.55 -4.28
N TYR B 179 -44.87 -0.32 -4.70
CA TYR B 179 -44.77 0.83 -3.84
C TYR B 179 -46.11 1.56 -3.80
N SER B 180 -46.66 1.67 -2.59
CA SER B 180 -47.92 2.36 -2.31
C SER B 180 -47.62 3.85 -2.17
N LYS B 181 -48.49 4.70 -2.75
CA LYS B 181 -48.37 6.16 -2.65
C LYS B 181 -48.52 6.62 -1.19
N LYS B 182 -48.95 5.70 -0.30
CA LYS B 182 -49.12 5.92 1.13
C LYS B 182 -47.78 5.87 1.88
N GLY B 183 -46.74 5.37 1.19
CA GLY B 183 -45.38 5.31 1.72
C GLY B 183 -44.91 3.98 2.28
N ILE B 184 -45.48 2.88 1.78
CA ILE B 184 -45.12 1.53 2.20
C ILE B 184 -44.82 0.70 0.97
N PHE B 185 -43.75 -0.08 1.01
CA PHE B 185 -43.42 -0.96 -0.09
C PHE B 185 -44.00 -2.34 0.25
N PHE B 186 -45.05 -2.75 -0.48
CA PHE B 186 -45.70 -4.04 -0.30
C PHE B 186 -44.97 -5.10 -1.12
N ALA B 187 -43.92 -5.66 -0.50
CA ALA B 187 -43.07 -6.69 -1.10
C ALA B 187 -43.77 -8.04 -1.21
N ASN B 188 -43.44 -8.81 -2.25
CA ASN B 188 -43.95 -10.15 -2.51
C ASN B 188 -42.76 -11.14 -2.61
N LYS B 189 -41.52 -10.60 -2.70
CA LYS B 189 -40.29 -11.37 -2.81
C LYS B 189 -39.13 -10.72 -2.05
N PHE B 190 -38.33 -11.57 -1.39
CA PHE B 190 -37.16 -11.19 -0.61
C PHE B 190 -35.92 -11.90 -1.18
N TYR B 191 -34.80 -11.17 -1.31
CA TYR B 191 -33.53 -11.69 -1.85
C TYR B 191 -32.34 -11.45 -0.93
N LEU B 192 -31.42 -12.42 -0.87
CA LEU B 192 -30.17 -12.30 -0.13
C LEU B 192 -29.06 -12.30 -1.16
N PRO B 193 -27.88 -11.62 -0.96
CA PRO B 193 -26.81 -11.67 -1.98
C PRO B 193 -26.64 -13.10 -2.51
N ASP B 194 -26.55 -14.11 -1.59
CA ASP B 194 -26.41 -15.54 -1.85
C ASP B 194 -25.09 -15.93 -2.60
N VAL B 195 -25.02 -17.14 -3.15
CA VAL B 195 -23.87 -17.61 -3.94
C VAL B 195 -24.46 -18.21 -5.21
N PRO B 196 -23.79 -18.13 -6.39
CA PRO B 196 -24.41 -18.69 -7.61
C PRO B 196 -24.66 -20.19 -7.52
N LEU B 197 -25.84 -20.65 -8.01
CA LEU B 197 -26.19 -22.07 -8.02
C LEU B 197 -25.30 -22.85 -8.98
N TYR B 198 -24.86 -22.20 -10.07
CA TYR B 198 -23.97 -22.80 -11.07
C TYR B 198 -22.66 -22.05 -11.16
N ARG B 199 -21.55 -22.79 -10.99
CA ARG B 199 -20.17 -22.31 -11.07
C ARG B 199 -19.32 -23.37 -11.77
N LYS B 200 -18.52 -22.94 -12.77
CA LYS B 200 -17.66 -23.78 -13.60
C LYS B 200 -16.71 -24.66 -12.80
N GLN B 201 -16.59 -25.93 -13.18
CA GLN B 201 -15.70 -26.90 -12.52
C GLN B 201 -14.24 -26.51 -12.79
N LYS B 202 -13.37 -26.75 -11.80
CA LYS B 202 -11.95 -26.43 -11.90
C LYS B 202 -11.14 -27.59 -12.49
N PRO B 203 -10.07 -27.32 -13.27
CA PRO B 203 -9.28 -28.43 -13.85
C PRO B 203 -8.51 -29.23 -12.81
N PRO B 204 -8.41 -30.58 -12.96
CA PRO B 204 -7.71 -31.40 -11.96
C PRO B 204 -6.22 -31.08 -11.81
N LEU B 205 -5.69 -31.31 -10.60
CA LEU B 205 -4.28 -31.08 -10.28
C LEU B 205 -3.45 -32.30 -10.68
N GLU B 206 -2.13 -32.11 -10.91
CA GLU B 206 -1.18 -33.17 -11.29
C GLU B 206 -1.29 -34.38 -10.36
N GLU B 207 -1.38 -34.11 -9.05
CA GLU B 207 -1.59 -35.10 -7.99
C GLU B 207 -2.16 -34.46 -6.74
N LYS B 208 -2.83 -35.27 -5.90
CA LYS B 208 -3.49 -34.88 -4.66
C LYS B 208 -2.56 -34.15 -3.68
N VAL B 209 -3.02 -32.99 -3.20
CA VAL B 209 -2.36 -32.17 -2.19
C VAL B 209 -3.38 -31.90 -1.07
N TYR B 210 -2.94 -32.01 0.18
CA TYR B 210 -3.78 -31.79 1.35
C TYR B 210 -3.43 -30.52 2.11
N ALA B 211 -4.45 -29.95 2.78
CA ALA B 211 -4.36 -28.78 3.63
C ALA B 211 -4.96 -29.13 5.00
N ILE B 212 -4.27 -28.75 6.08
CA ILE B 212 -4.72 -29.00 7.45
C ILE B 212 -5.29 -27.71 8.03
N LEU B 213 -6.49 -27.77 8.62
CA LEU B 213 -7.14 -26.58 9.20
C LEU B 213 -7.22 -26.67 10.71
N ILE B 214 -6.57 -25.73 11.39
CA ILE B 214 -6.58 -25.65 12.86
C ILE B 214 -6.90 -24.21 13.26
N SER B 215 -7.28 -24.01 14.53
CA SER B 215 -7.60 -22.71 15.13
C SER B 215 -7.74 -22.88 16.63
N ASP B 216 -7.89 -21.75 17.34
CA ASP B 216 -8.11 -21.65 18.78
C ASP B 216 -7.21 -22.57 19.58
N ILE B 217 -5.90 -22.40 19.38
CA ILE B 217 -4.86 -23.17 20.06
C ILE B 217 -4.86 -22.78 21.54
N HIS B 218 -4.97 -21.46 21.83
CA HIS B 218 -5.02 -20.87 23.16
C HIS B 218 -3.82 -21.21 24.04
N VAL B 219 -2.60 -21.08 23.48
CA VAL B 219 -1.35 -21.33 24.22
C VAL B 219 -1.28 -20.29 25.36
N GLY B 220 -1.07 -20.79 26.57
CA GLY B 220 -1.01 -20.00 27.78
C GLY B 220 -2.07 -20.42 28.78
N SER B 221 -3.17 -20.99 28.28
CA SER B 221 -4.28 -21.50 29.08
C SER B 221 -3.94 -22.87 29.64
N ARG B 222 -4.41 -23.19 30.88
CA ARG B 222 -4.25 -24.47 31.58
C ARG B 222 -5.07 -25.56 30.87
N GLU B 223 -6.12 -25.13 30.14
CA GLU B 223 -7.02 -26.02 29.40
C GLU B 223 -6.47 -26.37 28.04
N PHE B 224 -5.30 -25.82 27.66
CA PHE B 224 -4.68 -26.12 26.38
C PHE B 224 -4.25 -27.58 26.39
N CYS B 225 -4.74 -28.35 25.41
CA CYS B 225 -4.47 -29.77 25.25
C CYS B 225 -3.06 -29.97 24.68
N GLU B 226 -2.06 -29.69 25.55
CA GLU B 226 -0.62 -29.75 25.33
C GLU B 226 -0.14 -31.06 24.72
N LYS B 227 -0.50 -32.21 25.31
CA LYS B 227 -0.04 -33.50 24.81
C LYS B 227 -0.77 -33.92 23.52
N ALA B 228 -2.04 -33.49 23.33
CA ALA B 228 -2.81 -33.74 22.10
C ALA B 228 -2.19 -32.98 20.92
N PHE B 229 -1.73 -31.73 21.18
CA PHE B 229 -1.10 -30.89 20.17
C PHE B 229 0.29 -31.42 19.81
N LEU B 230 1.02 -31.95 20.80
CA LEU B 230 2.34 -32.55 20.57
C LEU B 230 2.22 -33.80 19.70
N LYS B 231 1.16 -34.62 19.93
CA LYS B 231 0.81 -35.80 19.14
C LYS B 231 0.38 -35.41 17.71
N PHE B 232 -0.17 -34.19 17.54
CA PHE B 232 -0.57 -33.66 16.23
C PHE B 232 0.66 -33.24 15.43
N LEU B 233 1.67 -32.66 16.12
CA LEU B 233 2.95 -32.25 15.53
C LEU B 233 3.74 -33.50 15.11
N GLU B 234 3.61 -34.60 15.89
CA GLU B 234 4.23 -35.89 15.59
C GLU B 234 3.59 -36.45 14.32
N TRP B 235 2.23 -36.41 14.23
CA TRP B 235 1.42 -36.83 13.09
C TRP B 235 1.87 -36.09 11.82
N LEU B 236 2.08 -34.76 11.91
CA LEU B 236 2.53 -33.90 10.82
C LEU B 236 3.92 -34.29 10.32
N ASN B 237 4.78 -34.80 11.23
CA ASN B 237 6.15 -35.24 10.96
C ASN B 237 6.27 -36.71 10.52
N GLY B 238 5.17 -37.29 10.03
CA GLY B 238 5.12 -38.66 9.53
C GLY B 238 5.02 -39.76 10.59
N HIS B 239 4.78 -39.38 11.86
CA HIS B 239 4.66 -40.37 12.93
C HIS B 239 3.18 -40.77 13.06
N VAL B 240 2.72 -41.53 12.06
CA VAL B 240 1.34 -42.03 11.92
C VAL B 240 1.28 -43.53 12.15
N GLU B 241 0.07 -44.10 12.33
CA GLU B 241 -0.04 -45.53 12.60
C GLU B 241 -0.77 -46.32 11.50
N SER B 242 -1.26 -45.64 10.45
CA SER B 242 -1.92 -46.31 9.32
C SER B 242 -1.35 -45.83 7.98
N LYS B 243 -1.36 -46.71 6.96
CA LYS B 243 -0.80 -46.36 5.65
C LYS B 243 -1.63 -45.32 4.91
N GLU B 244 -2.95 -45.26 5.18
CA GLU B 244 -3.81 -44.25 4.55
C GLU B 244 -3.37 -42.86 5.03
N GLU B 245 -3.06 -42.75 6.32
CA GLU B 245 -2.59 -41.51 6.94
C GLU B 245 -1.21 -41.16 6.44
N GLU B 246 -0.34 -42.18 6.19
CA GLU B 246 1.00 -42.07 5.63
C GLU B 246 0.97 -41.42 4.24
N GLU B 247 -0.03 -41.81 3.42
CA GLU B 247 -0.25 -41.27 2.08
C GLU B 247 -0.67 -39.80 2.19
N ILE B 248 -1.48 -39.46 3.21
CA ILE B 248 -1.98 -38.11 3.47
C ILE B 248 -0.84 -37.17 3.91
N VAL B 249 -0.06 -37.57 4.94
CA VAL B 249 1.06 -36.81 5.51
C VAL B 249 2.12 -36.46 4.46
N SER B 250 2.39 -37.39 3.52
CA SER B 250 3.35 -37.20 2.41
C SER B 250 2.88 -36.08 1.47
N ARG B 251 1.56 -35.87 1.37
CA ARG B 251 0.91 -34.91 0.48
C ARG B 251 0.41 -33.62 1.19
N VAL B 252 0.66 -33.47 2.51
CA VAL B 252 0.27 -32.28 3.25
C VAL B 252 1.32 -31.19 3.00
N LYS B 253 0.88 -30.07 2.42
CA LYS B 253 1.77 -28.95 2.10
C LYS B 253 1.35 -27.64 2.78
N TYR B 254 0.11 -27.58 3.32
CA TYR B 254 -0.42 -26.36 3.93
C TYR B 254 -1.10 -26.56 5.27
N LEU B 255 -0.87 -25.59 6.19
CA LEU B 255 -1.48 -25.55 7.52
C LEU B 255 -2.04 -24.15 7.74
N ILE B 256 -3.37 -24.05 7.94
CA ILE B 256 -4.03 -22.77 8.15
C ILE B 256 -4.53 -22.66 9.58
N ILE B 257 -4.13 -21.57 10.27
CA ILE B 257 -4.47 -21.28 11.65
C ILE B 257 -5.37 -20.02 11.72
N ALA B 258 -6.68 -20.24 11.99
CA ALA B 258 -7.72 -19.21 12.01
C ALA B 258 -8.01 -18.56 13.37
N GLY B 259 -6.99 -17.96 14.00
CA GLY B 259 -7.16 -17.19 15.22
C GLY B 259 -7.09 -17.88 16.55
N ASP B 260 -6.98 -17.05 17.61
CA ASP B 260 -6.84 -17.41 19.03
C ASP B 260 -5.71 -18.42 19.21
N VAL B 261 -4.53 -18.05 18.66
CA VAL B 261 -3.32 -18.84 18.67
C VAL B 261 -2.70 -18.84 20.08
N VAL B 262 -2.92 -17.76 20.85
CA VAL B 262 -2.53 -17.63 22.25
C VAL B 262 -3.80 -17.31 23.08
N ASP B 263 -3.78 -17.55 24.41
CA ASP B 263 -4.95 -17.24 25.23
C ASP B 263 -5.05 -15.73 25.56
N GLY B 264 -3.93 -15.01 25.47
CA GLY B 264 -3.92 -13.59 25.73
C GLY B 264 -3.84 -13.19 27.18
N ILE B 265 -4.00 -11.88 27.45
CA ILE B 265 -3.93 -11.25 28.77
C ILE B 265 -5.09 -10.26 28.88
N GLY B 266 -5.82 -10.33 29.99
CA GLY B 266 -6.95 -9.44 30.29
C GLY B 266 -8.11 -9.48 29.33
N ILE B 267 -8.36 -10.64 28.70
CA ILE B 267 -9.45 -10.86 27.74
C ILE B 267 -10.82 -10.84 28.45
N TYR B 268 -10.90 -11.44 29.64
CA TYR B 268 -12.11 -11.48 30.44
C TYR B 268 -11.75 -11.44 31.94
N PRO B 269 -12.67 -10.99 32.84
CA PRO B 269 -12.33 -10.97 34.28
C PRO B 269 -12.14 -12.38 34.82
N GLY B 270 -11.09 -12.58 35.58
CA GLY B 270 -10.76 -13.87 36.16
C GLY B 270 -9.92 -14.79 35.31
N GLN B 271 -9.46 -14.30 34.13
CA GLN B 271 -8.62 -15.07 33.19
C GLN B 271 -7.32 -15.56 33.84
N TYR B 272 -6.73 -14.77 34.76
CA TYR B 272 -5.50 -15.13 35.46
C TYR B 272 -5.57 -16.51 36.15
N SER B 273 -6.76 -16.87 36.67
CA SER B 273 -7.02 -18.16 37.32
C SER B 273 -6.85 -19.36 36.38
N ASP B 274 -6.90 -19.12 35.04
CA ASP B 274 -6.78 -20.15 34.02
C ASP B 274 -5.41 -20.17 33.33
N LEU B 275 -4.62 -19.11 33.50
CA LEU B 275 -3.33 -18.98 32.81
C LEU B 275 -2.15 -19.67 33.49
N VAL B 276 -1.50 -20.56 32.72
CA VAL B 276 -0.28 -21.27 33.06
C VAL B 276 0.88 -20.31 32.72
N ILE B 277 0.81 -19.67 31.54
CA ILE B 277 1.76 -18.67 31.04
C ILE B 277 1.06 -17.30 31.15
N PRO B 278 1.28 -16.53 32.25
CA PRO B 278 0.59 -15.25 32.39
C PRO B 278 1.37 -14.05 31.83
N ASP B 279 2.03 -14.24 30.68
CA ASP B 279 2.83 -13.22 29.99
C ASP B 279 2.62 -13.36 28.47
N ILE B 280 2.21 -12.26 27.79
CA ILE B 280 1.90 -12.24 26.35
C ILE B 280 3.14 -12.59 25.48
N PHE B 281 4.33 -12.08 25.85
CA PHE B 281 5.58 -12.35 25.12
C PHE B 281 5.92 -13.83 25.19
N ASP B 282 5.80 -14.40 26.40
CA ASP B 282 6.08 -15.82 26.68
C ASP B 282 5.07 -16.76 26.04
N GLN B 283 3.85 -16.27 25.78
CA GLN B 283 2.78 -17.03 25.13
C GLN B 283 3.12 -17.23 23.65
N TYR B 284 3.57 -16.16 22.96
CA TYR B 284 3.98 -16.22 21.55
C TYR B 284 5.29 -16.97 21.37
N GLU B 285 6.18 -16.89 22.37
CA GLU B 285 7.45 -17.61 22.36
C GLU B 285 7.20 -19.12 22.52
N ALA B 286 6.27 -19.51 23.43
CA ALA B 286 5.89 -20.91 23.64
C ALA B 286 5.22 -21.49 22.39
N LEU B 287 4.34 -20.69 21.76
CA LEU B 287 3.65 -21.07 20.53
C LEU B 287 4.63 -21.30 19.39
N ALA B 288 5.55 -20.33 19.15
CA ALA B 288 6.58 -20.41 18.10
C ALA B 288 7.49 -21.61 18.29
N ASN B 289 7.80 -21.99 19.56
CA ASN B 289 8.64 -23.15 19.86
C ASN B 289 7.98 -24.44 19.44
N LEU B 290 6.65 -24.49 19.53
CA LEU B 290 5.85 -25.64 19.12
C LEU B 290 5.76 -25.65 17.60
N LEU B 291 5.39 -24.51 16.98
CA LEU B 291 5.22 -24.34 15.54
C LEU B 291 6.53 -24.43 14.76
N ALA B 292 7.69 -24.35 15.45
CA ALA B 292 9.02 -24.52 14.85
C ALA B 292 9.21 -25.99 14.46
N ASN B 293 8.46 -26.89 15.11
CA ASN B 293 8.47 -28.33 14.88
C ASN B 293 7.51 -28.77 13.74
N VAL B 294 6.98 -27.81 12.97
CA VAL B 294 6.14 -28.08 11.81
C VAL B 294 7.10 -28.31 10.64
N PRO B 295 6.97 -29.44 9.87
CA PRO B 295 7.88 -29.69 8.75
C PRO B 295 8.07 -28.51 7.80
N GLU B 296 9.32 -28.34 7.30
CA GLU B 296 9.73 -27.25 6.39
C GLU B 296 8.96 -27.27 5.08
N HIS B 297 8.54 -28.45 4.62
CA HIS B 297 7.76 -28.62 3.40
C HIS B 297 6.29 -28.19 3.54
N ILE B 298 5.88 -27.76 4.76
CA ILE B 298 4.54 -27.27 5.05
C ILE B 298 4.59 -25.75 5.19
N THR B 299 3.72 -25.03 4.45
CA THR B 299 3.58 -23.58 4.54
C THR B 299 2.43 -23.31 5.50
N MET B 300 2.73 -22.54 6.56
CA MET B 300 1.79 -22.16 7.59
C MET B 300 1.23 -20.77 7.33
N PHE B 301 -0.09 -20.62 7.42
CA PHE B 301 -0.77 -19.34 7.26
C PHE B 301 -1.42 -19.05 8.60
N ILE B 302 -0.90 -18.02 9.33
CA ILE B 302 -1.35 -17.69 10.67
C ILE B 302 -2.11 -16.37 10.74
N GLY B 303 -3.38 -16.44 11.14
CA GLY B 303 -4.24 -15.28 11.32
C GLY B 303 -4.59 -15.01 12.77
N PRO B 304 -4.90 -13.73 13.14
CA PRO B 304 -5.29 -13.44 14.52
C PRO B 304 -6.76 -13.70 14.85
N GLY B 305 -7.05 -13.77 16.16
CA GLY B 305 -8.38 -13.94 16.75
C GLY B 305 -8.60 -12.85 17.80
N ASN B 306 -9.67 -12.96 18.61
CA ASN B 306 -9.97 -11.93 19.63
C ASN B 306 -9.11 -12.03 20.92
N HIS B 307 -8.39 -13.14 21.14
CA HIS B 307 -7.53 -13.32 22.32
C HIS B 307 -6.11 -12.85 22.02
N ASP B 308 -5.79 -12.76 20.73
CA ASP B 308 -4.48 -12.40 20.21
C ASP B 308 -4.07 -10.95 20.42
N ALA B 309 -2.74 -10.70 20.35
CA ALA B 309 -2.14 -9.37 20.43
C ALA B 309 -2.28 -8.83 19.01
N ALA B 310 -3.44 -8.22 18.78
CA ALA B 310 -3.90 -7.68 17.49
C ALA B 310 -4.93 -6.61 17.79
N ARG B 311 -5.36 -5.89 16.75
CA ARG B 311 -6.35 -4.82 16.82
C ARG B 311 -7.60 -5.26 17.60
N PRO B 312 -8.09 -4.44 18.57
CA PRO B 312 -9.29 -4.83 19.34
C PRO B 312 -10.64 -4.64 18.62
N ALA B 313 -10.65 -4.75 17.29
CA ALA B 313 -11.83 -4.57 16.45
C ALA B 313 -11.61 -5.31 15.12
N ILE B 314 -12.70 -5.65 14.42
CA ILE B 314 -12.55 -6.35 13.15
C ILE B 314 -12.84 -5.41 11.99
N PRO B 315 -12.04 -5.47 10.89
CA PRO B 315 -10.94 -6.42 10.59
C PRO B 315 -9.62 -6.16 11.32
N GLN B 316 -8.83 -7.23 11.51
CA GLN B 316 -7.51 -7.19 12.16
C GLN B 316 -6.44 -7.34 11.06
N PRO B 317 -5.66 -6.27 10.78
CA PRO B 317 -4.67 -6.34 9.66
C PRO B 317 -3.60 -7.40 9.77
N GLU B 318 -3.22 -7.75 11.00
CA GLU B 318 -2.19 -8.73 11.36
C GLU B 318 -2.11 -8.83 12.89
N PHE B 319 -0.99 -9.34 13.41
CA PHE B 319 -0.66 -9.36 14.83
C PHE B 319 0.19 -8.14 15.15
N TYR B 320 0.20 -7.71 16.43
CA TYR B 320 1.06 -6.63 16.90
C TYR B 320 2.45 -7.24 16.99
N LYS B 321 3.35 -6.85 16.05
CA LYS B 321 4.72 -7.35 15.91
C LYS B 321 5.57 -7.26 17.18
N GLU B 322 5.31 -6.29 18.06
CA GLU B 322 6.06 -6.12 19.32
C GLU B 322 5.88 -7.32 20.26
N TYR B 323 4.67 -7.90 20.29
CA TYR B 323 4.30 -9.02 21.16
C TYR B 323 4.36 -10.36 20.45
N ALA B 324 3.95 -10.40 19.16
CA ALA B 324 3.88 -11.62 18.35
C ALA B 324 5.12 -11.93 17.49
N LYS B 325 6.23 -11.16 17.65
CA LYS B 325 7.48 -11.33 16.90
C LYS B 325 7.98 -12.79 16.75
N PRO B 326 7.96 -13.70 17.77
CA PRO B 326 8.48 -15.06 17.56
C PRO B 326 7.82 -15.86 16.42
N ILE B 327 6.52 -15.64 16.14
CA ILE B 327 5.83 -16.36 15.06
C ILE B 327 6.18 -15.75 13.70
N TYR B 328 6.45 -14.42 13.64
CA TYR B 328 6.85 -13.71 12.42
C TYR B 328 8.21 -14.20 11.92
N LYS B 329 9.04 -14.76 12.82
CA LYS B 329 10.38 -15.27 12.53
C LYS B 329 10.46 -16.77 12.18
N LEU B 330 9.31 -17.46 12.08
CA LEU B 330 9.29 -18.86 11.67
C LEU B 330 9.52 -18.92 10.17
N LYS B 331 10.52 -19.70 9.72
CA LYS B 331 10.92 -19.81 8.30
C LYS B 331 9.78 -20.16 7.33
N ASN B 332 8.89 -21.07 7.74
CA ASN B 332 7.79 -21.54 6.90
C ASN B 332 6.41 -20.95 7.26
N ALA B 333 6.38 -19.77 7.90
CA ALA B 333 5.12 -19.12 8.30
C ALA B 333 4.84 -17.83 7.56
N ILE B 334 3.56 -17.62 7.21
CA ILE B 334 3.06 -16.42 6.54
C ILE B 334 1.93 -15.87 7.41
N ILE B 335 2.14 -14.67 7.97
CA ILE B 335 1.14 -13.98 8.80
C ILE B 335 0.10 -13.39 7.89
N ILE B 336 -1.15 -13.84 8.05
CA ILE B 336 -2.30 -13.37 7.28
C ILE B 336 -3.20 -12.52 8.17
N SER B 337 -4.05 -11.68 7.55
CA SER B 337 -4.99 -10.81 8.25
C SER B 337 -6.26 -11.58 8.65
N ASN B 338 -7.14 -10.93 9.43
CA ASN B 338 -8.44 -11.47 9.82
C ASN B 338 -9.52 -10.47 9.36
N PRO B 339 -10.23 -10.73 8.23
CA PRO B 339 -10.18 -11.94 7.38
C PRO B 339 -9.09 -11.93 6.29
N ALA B 340 -8.87 -13.09 5.66
CA ALA B 340 -7.94 -13.26 4.53
C ALA B 340 -8.46 -14.29 3.53
N VAL B 341 -7.98 -14.24 2.28
CA VAL B 341 -8.32 -15.22 1.25
C VAL B 341 -7.04 -15.80 0.70
N ILE B 342 -6.85 -17.11 0.87
CA ILE B 342 -5.68 -17.81 0.39
C ILE B 342 -6.06 -18.69 -0.80
N ARG B 343 -5.43 -18.43 -1.95
CA ARG B 343 -5.61 -19.22 -3.16
C ARG B 343 -4.54 -20.32 -3.16
N LEU B 344 -4.98 -21.57 -3.01
CA LEU B 344 -4.09 -22.75 -3.00
C LEU B 344 -4.44 -23.57 -4.22
N HIS B 345 -3.49 -23.68 -5.17
CA HIS B 345 -3.63 -24.44 -6.42
C HIS B 345 -4.91 -24.04 -7.20
N GLY B 346 -5.21 -22.75 -7.21
CA GLY B 346 -6.38 -22.19 -7.90
C GLY B 346 -7.69 -22.23 -7.12
N ARG B 347 -7.65 -22.72 -5.87
CA ARG B 347 -8.84 -22.82 -5.01
C ARG B 347 -8.81 -21.76 -3.91
N ASP B 348 -9.89 -20.96 -3.81
CA ASP B 348 -10.01 -19.88 -2.84
C ASP B 348 -10.49 -20.33 -1.47
N PHE B 349 -9.64 -20.10 -0.45
CA PHE B 349 -9.88 -20.44 0.94
C PHE B 349 -10.04 -19.14 1.74
N LEU B 350 -11.28 -18.81 2.11
CA LEU B 350 -11.59 -17.63 2.90
C LEU B 350 -11.45 -17.98 4.38
N ILE B 351 -10.47 -17.33 5.04
CA ILE B 351 -10.14 -17.56 6.45
C ILE B 351 -10.57 -16.35 7.29
N ALA B 352 -11.41 -16.61 8.30
CA ALA B 352 -11.93 -15.61 9.24
C ALA B 352 -11.95 -16.25 10.62
N HIS B 353 -11.88 -15.45 11.68
CA HIS B 353 -11.88 -16.02 13.01
C HIS B 353 -13.24 -16.61 13.41
N GLY B 354 -14.35 -15.96 13.05
CA GLY B 354 -15.68 -16.50 13.33
C GLY B 354 -16.55 -15.72 14.28
N ARG B 355 -16.25 -14.43 14.49
CA ARG B 355 -17.02 -13.53 15.36
C ARG B 355 -18.51 -13.41 14.94
N GLY B 356 -18.76 -13.48 13.63
CA GLY B 356 -20.11 -13.43 13.06
C GLY B 356 -21.01 -14.61 13.39
N ILE B 357 -20.43 -15.79 13.73
CA ILE B 357 -21.25 -16.96 14.13
C ILE B 357 -22.05 -16.61 15.41
N GLU B 358 -21.45 -15.84 16.34
CA GLU B 358 -22.10 -15.37 17.56
C GLU B 358 -23.31 -14.48 17.25
N ASP B 359 -23.18 -13.57 16.25
CA ASP B 359 -24.25 -12.66 15.80
C ASP B 359 -25.47 -13.44 15.34
N VAL B 360 -25.23 -14.53 14.57
CA VAL B 360 -26.26 -15.41 14.04
C VAL B 360 -27.00 -16.17 15.15
N VAL B 361 -26.25 -16.78 16.09
CA VAL B 361 -26.85 -17.58 17.16
C VAL B 361 -27.69 -16.69 18.13
N SER B 362 -27.29 -15.41 18.33
CA SER B 362 -28.06 -14.49 19.19
C SER B 362 -29.34 -14.01 18.52
N PHE B 363 -29.26 -13.53 17.26
CA PHE B 363 -30.38 -13.00 16.50
C PHE B 363 -31.33 -14.04 15.89
N VAL B 364 -30.83 -15.22 15.53
CA VAL B 364 -31.67 -16.24 14.90
C VAL B 364 -32.04 -17.39 15.86
N PRO B 365 -33.33 -17.44 16.30
CA PRO B 365 -33.76 -18.55 17.16
C PRO B 365 -33.88 -19.84 16.31
N GLY B 366 -33.16 -20.88 16.73
CA GLY B 366 -33.12 -22.16 16.01
C GLY B 366 -31.99 -22.23 15.00
N LYS B 371 -24.03 -26.58 16.71
CA LYS B 371 -23.38 -26.86 15.43
C LYS B 371 -23.23 -25.58 14.57
N PRO B 372 -21.98 -25.07 14.41
CA PRO B 372 -21.78 -23.77 13.73
C PRO B 372 -21.91 -23.75 12.20
N GLY B 373 -22.09 -24.92 11.58
CA GLY B 373 -22.24 -25.06 10.13
C GLY B 373 -23.37 -24.25 9.52
N LEU B 374 -24.58 -24.34 10.12
CA LEU B 374 -25.77 -23.60 9.67
C LEU B 374 -25.61 -22.08 9.89
N PRO B 375 -25.16 -21.56 11.07
CA PRO B 375 -24.90 -20.12 11.19
C PRO B 375 -23.90 -19.60 10.16
N MET B 376 -22.88 -20.41 9.79
CA MET B 376 -21.86 -20.09 8.78
C MET B 376 -22.50 -19.94 7.39
N VAL B 377 -23.52 -20.78 7.08
CA VAL B 377 -24.26 -20.75 5.80
C VAL B 377 -25.01 -19.41 5.68
N GLU B 378 -25.60 -18.93 6.78
CA GLU B 378 -26.31 -17.66 6.82
C GLU B 378 -25.41 -16.46 6.52
N LEU B 379 -24.14 -16.51 6.99
CA LEU B 379 -23.15 -15.46 6.73
C LEU B 379 -22.73 -15.47 5.27
N LEU B 380 -22.64 -16.68 4.68
CA LEU B 380 -22.29 -16.88 3.28
C LEU B 380 -23.40 -16.32 2.38
N LYS B 381 -24.68 -16.57 2.77
CA LYS B 381 -25.88 -16.12 2.06
C LYS B 381 -26.05 -14.61 2.14
N MET B 382 -25.62 -14.00 3.26
CA MET B 382 -25.65 -12.56 3.45
C MET B 382 -24.43 -11.90 2.79
N ARG B 383 -23.39 -12.71 2.49
CA ARG B 383 -22.10 -12.32 1.89
C ARG B 383 -21.39 -11.27 2.76
N HIS B 384 -21.49 -11.47 4.08
CA HIS B 384 -20.89 -10.62 5.10
C HIS B 384 -20.55 -11.48 6.29
N LEU B 385 -19.32 -11.31 6.81
CA LEU B 385 -18.77 -12.09 7.92
C LEU B 385 -19.31 -11.70 9.29
N ALA B 386 -19.68 -10.42 9.49
CA ALA B 386 -20.25 -9.92 10.76
C ALA B 386 -21.10 -8.66 10.47
N PRO B 387 -22.35 -8.84 9.99
CA PRO B 387 -23.17 -7.65 9.63
C PRO B 387 -23.71 -6.85 10.80
N THR B 388 -24.11 -7.56 11.88
CA THR B 388 -24.69 -7.04 13.11
C THR B 388 -23.77 -6.07 13.78
N PHE B 389 -24.33 -4.91 13.95
CA PHE B 389 -23.71 -3.75 14.49
C PHE B 389 -24.15 -3.54 15.93
N GLY B 390 -23.19 -3.15 16.75
CA GLY B 390 -23.41 -2.88 18.17
C GLY B 390 -23.52 -4.12 19.05
N GLY B 391 -23.17 -5.28 18.52
CA GLY B 391 -23.20 -6.51 19.33
C GLY B 391 -21.98 -6.58 20.23
N LYS B 392 -21.63 -7.79 20.68
CA LYS B 392 -20.43 -8.01 21.49
C LYS B 392 -19.17 -7.94 20.62
N VAL B 393 -19.36 -8.10 19.28
CA VAL B 393 -18.33 -8.05 18.24
C VAL B 393 -17.94 -6.57 17.95
N PRO B 394 -16.68 -6.12 18.15
CA PRO B 394 -16.37 -4.73 17.82
C PRO B 394 -16.06 -4.55 16.34
N ILE B 395 -16.96 -3.89 15.61
CA ILE B 395 -16.76 -3.60 14.20
C ILE B 395 -16.17 -2.19 14.07
N ALA B 396 -14.99 -2.11 13.46
CA ALA B 396 -14.26 -0.87 13.27
C ALA B 396 -14.97 0.07 12.30
N PRO B 397 -15.11 1.38 12.66
CA PRO B 397 -15.71 2.35 11.72
C PRO B 397 -14.71 2.77 10.65
N ASP B 398 -14.26 1.81 9.84
CA ASP B 398 -13.27 1.95 8.77
C ASP B 398 -13.87 2.58 7.49
N PRO B 399 -13.03 3.13 6.56
CA PRO B 399 -13.60 3.77 5.35
C PRO B 399 -14.27 2.82 4.37
N GLU B 400 -13.72 1.59 4.26
CA GLU B 400 -14.21 0.54 3.39
C GLU B 400 -14.61 -0.65 4.25
N ASP B 401 -15.67 -1.37 3.85
CA ASP B 401 -16.11 -2.57 4.56
C ASP B 401 -15.39 -3.77 3.98
N LEU B 402 -14.37 -4.23 4.70
CA LEU B 402 -13.54 -5.37 4.31
C LEU B 402 -14.08 -6.71 4.84
N LEU B 403 -15.28 -6.68 5.45
CA LEU B 403 -15.97 -7.87 5.98
C LEU B 403 -17.00 -8.44 5.00
N VAL B 404 -17.20 -7.75 3.87
CA VAL B 404 -18.07 -8.18 2.77
C VAL B 404 -17.33 -9.31 2.04
N ILE B 405 -17.99 -10.46 1.81
CA ILE B 405 -17.42 -11.59 1.04
C ILE B 405 -17.60 -11.17 -0.43
N GLU B 406 -16.65 -10.37 -0.95
CA GLU B 406 -16.66 -9.78 -2.30
C GLU B 406 -16.70 -10.82 -3.40
N GLU B 407 -15.90 -11.89 -3.25
CA GLU B 407 -15.87 -12.96 -4.22
C GLU B 407 -16.25 -14.27 -3.58
N VAL B 408 -16.78 -15.18 -4.39
CA VAL B 408 -17.27 -16.48 -3.94
C VAL B 408 -16.12 -17.43 -3.63
N PRO B 409 -15.97 -17.89 -2.36
CA PRO B 409 -14.88 -18.83 -2.07
C PRO B 409 -15.25 -20.30 -2.37
N ASP B 410 -14.24 -21.17 -2.37
CA ASP B 410 -14.44 -22.60 -2.56
C ASP B 410 -14.60 -23.24 -1.18
N LEU B 411 -13.91 -22.67 -0.18
CA LEU B 411 -13.93 -23.08 1.21
C LEU B 411 -13.92 -21.86 2.13
N VAL B 412 -14.71 -21.94 3.22
CA VAL B 412 -14.76 -20.94 4.28
C VAL B 412 -14.33 -21.62 5.57
N GLN B 413 -13.22 -21.15 6.16
CA GLN B 413 -12.73 -21.69 7.43
C GLN B 413 -12.92 -20.65 8.52
N MET B 414 -13.54 -21.08 9.62
CA MET B 414 -13.74 -20.23 10.79
C MET B 414 -13.40 -21.01 12.04
N GLY B 415 -13.03 -20.29 13.09
CA GLY B 415 -12.75 -20.85 14.40
C GLY B 415 -13.73 -20.23 15.36
N HIS B 416 -13.18 -19.65 16.44
CA HIS B 416 -13.87 -18.90 17.49
C HIS B 416 -14.86 -19.69 18.35
N VAL B 417 -15.84 -20.43 17.78
CA VAL B 417 -16.87 -21.10 18.60
C VAL B 417 -16.41 -22.39 19.32
N HIS B 418 -15.24 -22.95 18.97
CA HIS B 418 -14.62 -24.13 19.61
C HIS B 418 -15.35 -25.47 19.37
N VAL B 419 -16.27 -25.49 18.39
CA VAL B 419 -17.02 -26.70 18.02
C VAL B 419 -16.77 -27.02 16.55
N TYR B 420 -16.38 -28.27 16.26
CA TYR B 420 -16.17 -28.71 14.88
C TYR B 420 -17.52 -28.88 14.17
N ASP B 421 -17.52 -28.61 12.86
CA ASP B 421 -18.63 -28.80 11.94
C ASP B 421 -18.13 -28.59 10.52
N ALA B 422 -18.85 -29.16 9.54
CA ALA B 422 -18.56 -29.07 8.12
C ALA B 422 -19.86 -29.30 7.37
N VAL B 423 -20.18 -28.38 6.45
CA VAL B 423 -21.41 -28.41 5.64
C VAL B 423 -21.12 -27.77 4.27
N VAL B 424 -21.68 -28.35 3.20
CA VAL B 424 -21.52 -27.83 1.85
C VAL B 424 -22.80 -27.08 1.42
N TYR B 425 -22.64 -25.81 1.01
CA TYR B 425 -23.74 -25.00 0.51
C TYR B 425 -23.37 -24.46 -0.86
N ARG B 426 -24.09 -24.94 -1.90
CA ARG B 426 -23.90 -24.58 -3.32
C ARG B 426 -22.44 -24.71 -3.78
N GLY B 427 -21.81 -25.84 -3.48
CA GLY B 427 -20.43 -26.13 -3.87
C GLY B 427 -19.35 -25.54 -2.97
N VAL B 428 -19.76 -24.71 -1.99
CA VAL B 428 -18.87 -24.05 -1.02
C VAL B 428 -18.82 -24.88 0.25
N GLN B 429 -17.61 -25.23 0.72
CA GLN B 429 -17.38 -25.97 1.95
C GLN B 429 -17.25 -25.00 3.12
N LEU B 430 -18.20 -25.08 4.08
CA LEU B 430 -18.20 -24.29 5.31
C LEU B 430 -17.61 -25.24 6.35
N VAL B 431 -16.56 -24.82 7.08
CA VAL B 431 -15.92 -25.69 8.06
C VAL B 431 -15.40 -24.89 9.29
N ASN B 432 -15.67 -25.42 10.49
CA ASN B 432 -15.18 -24.85 11.74
C ASN B 432 -14.09 -25.78 12.27
N SER B 433 -12.85 -25.27 12.32
CA SER B 433 -11.63 -26.00 12.71
C SER B 433 -11.48 -26.26 14.24
N ALA B 434 -12.57 -26.06 15.01
CA ALA B 434 -12.69 -26.30 16.45
C ALA B 434 -11.65 -25.56 17.34
N THR B 435 -10.96 -26.28 18.24
CA THR B 435 -10.03 -25.74 19.22
C THR B 435 -9.04 -26.80 19.76
N TRP B 436 -7.98 -26.32 20.44
CA TRP B 436 -7.01 -27.16 21.16
C TRP B 436 -7.13 -26.88 22.64
N GLN B 437 -8.25 -26.23 23.04
CA GLN B 437 -8.55 -25.84 24.41
C GLN B 437 -9.78 -26.58 24.94
N ALA B 438 -9.63 -27.26 26.11
CA ALA B 438 -10.73 -27.96 26.77
C ALA B 438 -11.65 -26.95 27.49
N GLN B 439 -12.82 -27.40 27.96
CA GLN B 439 -13.77 -26.52 28.63
C GLN B 439 -13.18 -25.80 29.85
N THR B 440 -13.12 -24.46 29.75
CA THR B 440 -12.64 -23.55 30.79
C THR B 440 -13.81 -23.32 31.77
N GLU B 441 -13.50 -22.76 32.93
CA GLU B 441 -14.44 -22.37 33.97
C GLU B 441 -15.46 -21.41 33.36
N PHE B 442 -14.97 -20.35 32.68
CA PHE B 442 -15.78 -19.33 32.00
C PHE B 442 -16.73 -19.90 30.93
N GLN B 443 -16.23 -20.86 30.11
CA GLN B 443 -17.00 -21.54 29.06
C GLN B 443 -18.17 -22.32 29.68
N LYS B 444 -17.92 -23.03 30.82
CA LYS B 444 -18.92 -23.79 31.58
C LYS B 444 -20.08 -22.85 31.97
N MET B 445 -19.74 -21.65 32.47
CA MET B 445 -20.67 -20.60 32.93
C MET B 445 -21.52 -20.02 31.81
N VAL B 446 -20.94 -19.81 30.61
CA VAL B 446 -21.65 -19.24 29.45
C VAL B 446 -22.20 -20.37 28.52
N ASN B 447 -22.18 -21.61 29.04
CA ASN B 447 -22.69 -22.84 28.42
C ASN B 447 -22.06 -23.19 27.05
N ILE B 448 -20.73 -23.03 26.92
CA ILE B 448 -19.97 -23.40 25.72
C ILE B 448 -19.34 -24.78 25.98
N VAL B 449 -19.72 -25.78 25.16
CA VAL B 449 -19.24 -27.15 25.24
C VAL B 449 -18.32 -27.41 24.03
N PRO B 450 -16.98 -27.34 24.21
CA PRO B 450 -16.09 -27.50 23.05
C PRO B 450 -15.89 -28.94 22.57
N THR B 451 -15.33 -29.08 21.35
CA THR B 451 -14.97 -30.37 20.76
C THR B 451 -13.46 -30.28 20.47
N PRO B 452 -12.59 -30.35 21.54
CA PRO B 452 -11.16 -30.16 21.31
C PRO B 452 -10.48 -31.28 20.53
N ALA B 453 -9.37 -30.91 19.86
CA ALA B 453 -8.47 -31.78 19.10
C ALA B 453 -9.12 -32.53 17.92
N LYS B 454 -10.09 -31.89 17.22
CA LYS B 454 -10.73 -32.39 15.99
C LYS B 454 -10.20 -31.58 14.82
N VAL B 455 -9.35 -32.20 14.00
CA VAL B 455 -8.64 -31.55 12.89
C VAL B 455 -9.19 -31.89 11.48
N PRO B 456 -9.80 -30.92 10.77
CA PRO B 456 -10.25 -31.17 9.40
C PRO B 456 -9.10 -31.31 8.40
N VAL B 457 -9.13 -32.37 7.58
CA VAL B 457 -8.17 -32.66 6.52
C VAL B 457 -8.87 -32.28 5.21
N VAL B 458 -8.31 -31.32 4.48
CA VAL B 458 -8.88 -30.79 3.25
C VAL B 458 -8.13 -31.22 1.99
N ASP B 459 -8.86 -31.78 1.01
CA ASP B 459 -8.32 -32.13 -0.31
C ASP B 459 -8.45 -30.83 -1.10
N VAL B 460 -7.32 -30.19 -1.41
CA VAL B 460 -7.23 -28.90 -2.12
C VAL B 460 -7.97 -28.93 -3.47
N GLU B 461 -7.84 -30.04 -4.25
CA GLU B 461 -8.48 -30.22 -5.56
C GLU B 461 -9.99 -29.99 -5.54
N SER B 462 -10.71 -30.64 -4.60
CA SER B 462 -12.16 -30.50 -4.50
C SER B 462 -12.57 -29.42 -3.49
N ALA B 463 -11.58 -28.92 -2.69
CA ALA B 463 -11.73 -27.94 -1.61
C ALA B 463 -12.79 -28.48 -0.63
N ARG B 464 -12.61 -29.76 -0.24
CA ARG B 464 -13.52 -30.48 0.66
C ARG B 464 -12.81 -31.12 1.83
N VAL B 465 -13.51 -31.20 2.98
CA VAL B 465 -13.06 -31.90 4.17
C VAL B 465 -13.30 -33.39 3.82
N VAL B 466 -12.23 -34.18 3.79
CA VAL B 466 -12.24 -35.60 3.42
C VAL B 466 -12.06 -36.53 4.63
N LYS B 467 -11.40 -36.02 5.67
CA LYS B 467 -11.11 -36.75 6.91
C LYS B 467 -11.04 -35.76 8.09
N VAL B 468 -11.37 -36.24 9.29
CA VAL B 468 -11.30 -35.48 10.53
C VAL B 468 -10.38 -36.27 11.45
N LEU B 469 -9.23 -35.68 11.80
CA LEU B 469 -8.27 -36.31 12.71
C LEU B 469 -8.73 -36.06 14.14
N ASP B 470 -8.89 -37.12 14.93
CA ASP B 470 -9.34 -37.02 16.32
C ASP B 470 -8.21 -37.30 17.31
N PHE B 471 -7.68 -36.25 17.94
CA PHE B 471 -6.61 -36.35 18.95
C PHE B 471 -7.17 -36.16 20.37
N SER B 472 -8.52 -36.16 20.53
CA SER B 472 -9.22 -35.90 21.80
C SER B 472 -8.97 -36.94 22.91
N GLY B 473 -8.42 -38.11 22.56
CA GLY B 473 -8.11 -39.13 23.54
C GLY B 473 -6.88 -38.79 24.38
N TRP B 474 -5.99 -37.94 23.82
CA TRP B 474 -4.74 -37.52 24.45
C TRP B 474 -4.89 -36.29 25.40
N CYS B 475 -6.06 -36.16 26.04
CA CYS B 475 -6.39 -35.12 27.02
C CYS B 475 -7.54 -35.54 27.96
O5' D5M C . 17.08 12.05 2.31
C5' D5M C . 15.80 11.83 2.95
C4' D5M C . 15.36 13.08 3.69
O4' D5M C . 16.31 13.38 4.73
C3' D5M C . 15.21 14.36 2.87
O3' D5M C . 14.04 15.08 3.28
C2' D5M C . 16.48 15.14 3.18
C1' D5M C . 16.75 14.73 4.62
N9 D5M C . 18.15 14.79 5.05
C8 D5M C . 19.18 14.01 4.58
N7 D5M C . 20.30 14.18 5.23
C5 D5M C . 20.00 15.16 6.17
C6 D5M C . 20.77 15.77 7.18
N6 D5M C . 22.06 15.53 7.37
N1 D5M C . 20.15 16.70 7.95
C2 D5M C . 18.86 16.97 7.74
N3 D5M C . 18.04 16.46 6.81
C4 D5M C . 18.67 15.55 6.06
P D5M C . 18.18 10.91 1.97
O1P D5M C . 17.73 10.28 0.67
O3P D5M C . 18.10 9.79 3.03
O2P D5M C . 19.55 11.58 1.99
FE FE D . 16.55 8.84 -0.23
ZN ZN E . 18.52 11.43 -1.47
CA CA F . 15.47 7.34 20.80
C ACT G . 19.23 16.65 -8.39
O ACT G . 18.10 17.09 -8.03
OXT ACT G . 19.99 15.94 -7.68
CH3 ACT G . 19.70 17.03 -9.82
CA CA H . -12.49 -7.50 -5.90
O5' D5M I . -14.70 -17.82 22.59
C5' D5M I . -15.01 -19.23 22.60
C4' D5M I . -16.50 -19.44 22.67
O4' D5M I . -17.02 -18.82 23.87
C3' D5M I . -17.35 -18.90 21.51
O3' D5M I . -18.46 -19.77 21.27
C2' D5M I . -17.85 -17.57 22.04
C1' D5M I . -18.00 -17.85 23.54
N9 D5M I . -17.81 -16.69 24.41
C8 D5M I . -16.63 -16.09 24.74
N7 D5M I . -16.77 -15.09 25.58
C5 D5M I . -18.13 -15.03 25.82
C6 D5M I . -18.93 -14.18 26.59
N6 D5M I . -18.44 -13.16 27.31
N1 D5M I . -20.26 -14.38 26.58
C2 D5M I . -20.76 -15.38 25.84
N3 D5M I . -20.11 -16.25 25.06
C4 D5M I . -18.79 -16.02 25.09
P D5M I . -13.25 -17.14 22.71
O1P D5M I . -12.84 -16.78 21.30
O3P D5M I . -13.51 -15.81 23.48
O2P D5M I . -12.25 -18.04 23.37
FE FE J . -11.06 -19.26 20.94
ZN ZN K . -12.28 -16.35 19.50
CA CA L . -11.76 -3.46 -2.57
C ACT M . -13.89 -12.38 12.00
O ACT M . -14.84 -13.22 11.93
OXT ACT M . -13.12 -12.26 13.00
CH3 ACT M . -13.69 -11.46 10.77
C1 EDO N . -9.77 -8.31 20.00
O1 EDO N . -10.52 -8.26 18.79
C2 EDO N . -8.23 -8.53 19.73
O2 EDO N . -7.48 -8.55 20.95
#